data_7BR9
#
_entry.id   7BR9
#
_cell.length_a   191.493
_cell.length_b   55.610
_cell.length_c   90.956
_cell.angle_alpha   90.00
_cell.angle_beta   107.67
_cell.angle_gamma   90.00
#
_symmetry.space_group_name_H-M   'C 1 2 1'
#
_entity_poly.entity_id   1
_entity_poly.type   'polypeptide(L)'
_entity_poly.pdbx_seq_one_letter_code
;MMLKSVTESFAGMIHGLKVNHLTDGIIRRSKRMILDSLGVGFLGTGTEVFHKVTQYSKIYSSNTSSTVWGRPDFRLPPTY
AAFVNGVAVHSMDFDDTWHPATHPSGAVLPVLTALSEALPQTPKFSGLDLLLAFNVGIEVQGRLMHFSKEAKDIPKRFHP
PSVVGTLGSAAAASKFLGLSLTKCREALAIAVSHAGAPIANAATQTKPLHIGNAAKHGMEATFLAMLGLQGNKQILDLGS
GFGAFYANYSPEDLPSLDSHIWLLDQQDVAFKSFPAHLATHWVADAAAAVRKHLVTPERALFPADHIERIVLRIPDVQYV
NRPFPDSEHEARHSFQYVACASLLDGSITVPSFHSQQVNRPQVRELLKKVKLEHPPDNPPSFDTLYCEISITLKDGTTFT
ERSDTFYGHWRKPLSQEDLRNKFRANASKMLCRDTVESLITVVEKLEDLEDCSVLTRLLKGPSVQDEASKLSSMSSFDHT
TLPRFTNI
;
_entity_poly.pdbx_strand_id   A,B
#
# COMPACT_ATOMS: atom_id res chain seq x y z
N SER A 5 -7.22 -18.00 16.88
CA SER A 5 -6.82 -16.62 16.66
C SER A 5 -7.89 -15.85 15.89
N VAL A 6 -7.83 -14.52 15.95
CA VAL A 6 -8.79 -13.71 15.21
C VAL A 6 -8.62 -13.89 13.71
N THR A 7 -7.37 -13.96 13.24
CA THR A 7 -7.13 -14.17 11.81
C THR A 7 -7.78 -15.46 11.32
N GLU A 8 -7.56 -16.55 12.05
CA GLU A 8 -8.19 -17.81 11.70
C GLU A 8 -9.70 -17.71 11.82
N SER A 9 -10.20 -16.87 12.74
CA SER A 9 -11.63 -16.67 12.86
C SER A 9 -12.20 -16.02 11.60
N PHE A 10 -11.49 -15.02 11.03
CA PHE A 10 -11.95 -14.42 9.78
C PHE A 10 -11.91 -15.43 8.63
N ALA A 11 -10.84 -16.21 8.54
CA ALA A 11 -10.80 -17.23 7.49
C ALA A 11 -11.96 -18.21 7.66
N GLY A 12 -12.23 -18.60 8.90
CA GLY A 12 -13.35 -19.49 9.17
C GLY A 12 -14.67 -18.92 8.72
N MET A 13 -14.94 -17.66 9.08
CA MET A 13 -16.21 -17.05 8.68
C MET A 13 -16.33 -16.96 7.16
N ILE A 14 -15.27 -16.51 6.50
CA ILE A 14 -15.31 -16.34 5.05
C ILE A 14 -15.59 -17.66 4.36
N HIS A 15 -14.83 -18.70 4.72
CA HIS A 15 -14.99 -20.00 4.11
C HIS A 15 -16.35 -20.62 4.46
N GLY A 16 -16.73 -20.56 5.73
CA GLY A 16 -17.90 -21.29 6.21
C GLY A 16 -19.23 -20.76 5.72
N LEU A 17 -19.37 -19.42 5.62
CA LEU A 17 -20.67 -18.86 5.25
C LEU A 17 -21.14 -19.40 3.91
N LYS A 18 -22.45 -19.68 3.82
CA LYS A 18 -23.07 -20.25 2.65
C LYS A 18 -24.21 -19.36 2.20
N VAL A 19 -24.74 -19.67 1.00
CA VAL A 19 -25.88 -18.91 0.48
C VAL A 19 -27.06 -18.96 1.46
N ASN A 20 -27.23 -20.11 2.12
CA ASN A 20 -28.33 -20.28 3.07
C ASN A 20 -28.25 -19.34 4.27
N HIS A 21 -27.09 -18.73 4.52
CA HIS A 21 -26.96 -17.78 5.62
C HIS A 21 -27.40 -16.37 5.24
N LEU A 22 -27.72 -16.13 3.96
CA LEU A 22 -28.12 -14.80 3.53
C LEU A 22 -29.52 -14.49 4.04
N THR A 23 -29.73 -13.25 4.47
CA THR A 23 -31.00 -12.81 5.03
C THR A 23 -31.74 -11.89 4.08
N ASP A 24 -33.04 -11.73 4.35
CA ASP A 24 -33.86 -10.82 3.54
C ASP A 24 -33.31 -9.41 3.58
N GLY A 25 -32.88 -8.97 4.76
CA GLY A 25 -32.37 -7.62 4.92
C GLY A 25 -31.11 -7.37 4.12
N ILE A 26 -30.11 -8.24 4.28
CA ILE A 26 -28.84 -7.99 3.61
C ILE A 26 -28.98 -8.15 2.11
N ILE A 27 -29.94 -8.96 1.64
CA ILE A 27 -30.16 -9.07 0.21
C ILE A 27 -30.80 -7.79 -0.34
N ARG A 28 -31.84 -7.30 0.34
CA ARG A 28 -32.45 -6.03 -0.08
C ARG A 28 -31.40 -4.93 -0.11
N ARG A 29 -30.62 -4.81 0.96
CA ARG A 29 -29.65 -3.73 1.06
C ARG A 29 -28.49 -3.93 0.08
N SER A 30 -28.09 -5.18 -0.16
CA SER A 30 -27.04 -5.46 -1.14
C SER A 30 -27.49 -5.07 -2.53
N LYS A 31 -28.75 -5.36 -2.88
CA LYS A 31 -29.25 -4.98 -4.19
C LYS A 31 -29.29 -3.46 -4.33
N ARG A 32 -29.66 -2.76 -3.25
CA ARG A 32 -29.62 -1.30 -3.27
C ARG A 32 -28.20 -0.80 -3.48
N MET A 33 -27.25 -1.36 -2.74
CA MET A 33 -25.85 -0.96 -2.83
C MET A 33 -25.28 -1.22 -4.22
N ILE A 34 -25.59 -2.39 -4.80
CA ILE A 34 -25.07 -2.74 -6.12
C ILE A 34 -25.65 -1.84 -7.21
N LEU A 35 -26.97 -1.59 -7.16
CA LEU A 35 -27.58 -0.71 -8.15
C LEU A 35 -26.98 0.69 -8.06
N ASP A 36 -26.84 1.21 -6.84
CA ASP A 36 -26.26 2.54 -6.67
C ASP A 36 -24.83 2.58 -7.19
N SER A 37 -24.04 1.53 -6.89
CA SER A 37 -22.66 1.49 -7.33
C SER A 37 -22.56 1.47 -8.85
N LEU A 38 -23.41 0.68 -9.52
CA LEU A 38 -23.37 0.65 -10.98
C LEU A 38 -23.72 2.01 -11.57
N GLY A 39 -24.77 2.65 -11.05
CA GLY A 39 -25.14 3.97 -11.55
C GLY A 39 -24.02 4.98 -11.39
N VAL A 40 -23.46 5.06 -10.18
CA VAL A 40 -22.41 6.05 -9.92
C VAL A 40 -21.15 5.73 -10.73
N GLY A 41 -20.86 4.45 -10.95
CA GLY A 41 -19.75 4.08 -11.82
C GLY A 41 -19.95 4.55 -13.24
N PHE A 42 -21.12 4.27 -13.82
CA PHE A 42 -21.39 4.74 -15.17
C PHE A 42 -21.23 6.25 -15.26
N LEU A 43 -21.75 6.97 -14.26
CA LEU A 43 -21.58 8.42 -14.23
C LEU A 43 -20.10 8.78 -14.20
N GLY A 44 -19.33 8.12 -13.35
CA GLY A 44 -17.91 8.42 -13.21
C GLY A 44 -17.06 8.06 -14.41
N THR A 45 -17.56 7.21 -15.30
CA THR A 45 -16.74 6.86 -16.47
C THR A 45 -16.51 8.03 -17.42
N GLY A 46 -17.19 9.15 -17.21
CA GLY A 46 -16.96 10.36 -17.98
C GLY A 46 -15.96 11.33 -17.37
N THR A 47 -15.31 10.96 -16.26
CA THR A 47 -14.41 11.84 -15.54
C THR A 47 -12.99 11.75 -16.08
N GLU A 48 -12.18 12.76 -15.70
CA GLU A 48 -10.76 12.74 -16.06
C GLU A 48 -10.01 11.64 -15.34
N VAL A 49 -10.40 11.31 -14.10
CA VAL A 49 -9.66 10.30 -13.34
C VAL A 49 -9.80 8.95 -14.02
N PHE A 50 -11.02 8.62 -14.44
CA PHE A 50 -11.25 7.39 -15.18
C PHE A 50 -10.44 7.37 -16.47
N HIS A 51 -10.38 8.51 -17.17
CA HIS A 51 -9.53 8.62 -18.36
C HIS A 51 -8.07 8.29 -18.04
N LYS A 52 -7.54 8.87 -16.96
CA LYS A 52 -6.14 8.64 -16.62
C LYS A 52 -5.89 7.17 -16.33
N VAL A 53 -6.77 6.56 -15.51
CA VAL A 53 -6.53 5.18 -15.10
C VAL A 53 -6.77 4.21 -16.25
N THR A 54 -7.65 4.56 -17.20
CA THR A 54 -7.84 3.67 -18.35
C THR A 54 -6.75 3.86 -19.40
N GLN A 55 -6.25 5.08 -19.59
CA GLN A 55 -5.11 5.28 -20.47
C GLN A 55 -3.90 4.54 -19.94
N TYR A 56 -3.77 4.48 -18.61
CA TYR A 56 -2.72 3.66 -18.02
C TYR A 56 -2.99 2.17 -18.21
N SER A 57 -4.19 1.72 -17.82
CA SER A 57 -4.50 0.29 -17.80
C SER A 57 -4.48 -0.34 -19.19
N LYS A 58 -4.83 0.42 -20.24
CA LYS A 58 -4.94 -0.14 -21.58
C LYS A 58 -3.64 -0.76 -22.08
N ILE A 59 -2.50 -0.43 -21.45
CA ILE A 59 -1.22 -0.98 -21.91
C ILE A 59 -1.02 -2.43 -21.49
N TYR A 60 -1.88 -2.97 -20.62
CA TYR A 60 -1.75 -4.33 -20.12
C TYR A 60 -2.80 -5.23 -20.76
N SER A 61 -2.42 -6.48 -21.02
CA SER A 61 -3.32 -7.49 -21.58
C SER A 61 -2.99 -8.85 -20.97
N SER A 62 -3.99 -9.74 -20.95
CA SER A 62 -3.81 -11.05 -20.34
C SER A 62 -4.59 -12.09 -21.13
N ASN A 63 -4.55 -13.33 -20.65
CA ASN A 63 -5.27 -14.42 -21.31
C ASN A 63 -6.78 -14.29 -21.15
N THR A 64 -7.22 -13.71 -20.03
CA THR A 64 -8.63 -13.45 -19.77
C THR A 64 -8.82 -11.94 -19.67
N SER A 65 -10.07 -11.50 -19.76
CA SER A 65 -10.34 -10.07 -19.74
C SER A 65 -11.74 -9.81 -19.21
N SER A 66 -12.01 -8.54 -18.90
CA SER A 66 -13.28 -8.14 -18.30
C SER A 66 -13.68 -6.78 -18.84
N THR A 67 -14.99 -6.52 -18.76
CA THR A 67 -15.59 -5.31 -19.31
C THR A 67 -15.18 -4.05 -18.57
N VAL A 68 -14.89 -2.99 -19.33
CA VAL A 68 -14.76 -1.64 -18.82
C VAL A 68 -16.12 -0.96 -18.98
N TRP A 69 -16.72 -0.57 -17.84
CA TRP A 69 -18.14 -0.23 -17.82
C TRP A 69 -18.50 0.88 -18.81
N GLY A 70 -17.75 1.98 -18.82
CA GLY A 70 -18.07 3.05 -19.74
C GLY A 70 -17.45 2.96 -21.11
N ARG A 71 -16.51 2.04 -21.34
CA ARG A 71 -15.78 1.95 -22.59
C ARG A 71 -15.81 0.50 -23.07
N PRO A 72 -16.91 0.06 -23.68
CA PRO A 72 -17.00 -1.34 -24.14
C PRO A 72 -16.12 -1.67 -25.32
N ASP A 73 -15.33 -0.73 -25.80
CA ASP A 73 -14.57 -0.90 -27.03
C ASP A 73 -13.30 -1.69 -26.82
N PHE A 74 -12.88 -1.89 -25.56
CA PHE A 74 -11.70 -2.67 -25.23
C PHE A 74 -11.96 -3.40 -23.91
N ARG A 75 -11.06 -4.34 -23.61
CA ARG A 75 -11.14 -5.15 -22.41
C ARG A 75 -9.84 -5.03 -21.64
N LEU A 76 -9.91 -5.23 -20.33
CA LEU A 76 -8.74 -5.24 -19.47
C LEU A 76 -8.66 -6.57 -18.75
N PRO A 77 -7.48 -6.96 -18.27
CA PRO A 77 -7.40 -8.06 -17.31
C PRO A 77 -8.33 -7.79 -16.14
N PRO A 78 -8.91 -8.84 -15.54
CA PRO A 78 -9.87 -8.59 -14.45
C PRO A 78 -9.29 -7.70 -13.36
N THR A 79 -7.99 -7.78 -13.16
CA THR A 79 -7.31 -6.92 -12.19
C THR A 79 -7.49 -5.45 -12.55
N TYR A 80 -7.18 -5.09 -13.80
CA TYR A 80 -7.24 -3.69 -14.19
C TYR A 80 -8.66 -3.25 -14.51
N ALA A 81 -9.52 -4.19 -14.92
CA ALA A 81 -10.93 -3.87 -15.08
C ALA A 81 -11.54 -3.48 -13.74
N ALA A 82 -11.26 -4.27 -12.70
CA ALA A 82 -11.74 -3.92 -11.36
C ALA A 82 -11.13 -2.61 -10.91
N PHE A 83 -9.84 -2.38 -11.22
CA PHE A 83 -9.18 -1.13 -10.86
C PHE A 83 -9.92 0.07 -11.44
N VAL A 84 -10.10 0.10 -12.76
CA VAL A 84 -10.69 1.27 -13.40
C VAL A 84 -12.17 1.40 -13.06
N ASN A 85 -12.88 0.28 -12.85
CA ASN A 85 -14.29 0.39 -12.53
C ASN A 85 -14.50 0.92 -11.12
N GLY A 86 -13.68 0.47 -10.16
CA GLY A 86 -13.73 1.06 -8.84
C GLY A 86 -13.37 2.53 -8.86
N VAL A 87 -12.39 2.89 -9.69
CA VAL A 87 -12.05 4.30 -9.87
C VAL A 87 -13.27 5.06 -10.35
N ALA A 88 -13.99 4.51 -11.33
CA ALA A 88 -15.18 5.16 -11.86
C ALA A 88 -16.22 5.36 -10.76
N VAL A 89 -16.43 4.34 -9.92
CA VAL A 89 -17.42 4.44 -8.85
C VAL A 89 -17.03 5.53 -7.86
N HIS A 90 -15.73 5.67 -7.56
CA HIS A 90 -15.30 6.65 -6.59
C HIS A 90 -14.73 7.91 -7.23
N SER A 91 -14.91 8.08 -8.54
CA SER A 91 -14.27 9.17 -9.28
C SER A 91 -14.75 10.55 -8.83
N MET A 92 -15.97 10.67 -8.33
CA MET A 92 -16.49 11.96 -7.87
C MET A 92 -17.01 11.88 -6.44
N ASP A 93 -16.57 10.86 -5.70
CA ASP A 93 -16.95 10.62 -4.31
C ASP A 93 -18.45 10.69 -4.15
N PHE A 94 -19.13 9.84 -4.90
CA PHE A 94 -20.58 9.81 -4.90
C PHE A 94 -21.07 8.38 -4.69
N ASP A 95 -20.18 7.53 -4.19
CA ASP A 95 -20.44 6.19 -3.71
C ASP A 95 -21.26 6.22 -2.42
N ASP A 96 -21.62 5.05 -1.91
CA ASP A 96 -22.39 4.98 -0.68
C ASP A 96 -21.46 5.09 0.53
N THR A 97 -22.05 5.24 1.71
CA THR A 97 -21.31 5.38 2.96
C THR A 97 -21.91 4.44 4.00
N TRP A 98 -21.04 3.83 4.80
CA TRP A 98 -21.45 2.85 5.80
C TRP A 98 -20.88 3.24 7.16
N HIS A 99 -21.26 2.49 8.19
CA HIS A 99 -20.79 2.75 9.54
C HIS A 99 -20.35 1.44 10.17
N PRO A 100 -19.13 1.36 10.75
CA PRO A 100 -18.10 2.40 10.84
C PRO A 100 -17.66 2.96 9.48
N ALA A 101 -17.05 4.15 9.49
CA ALA A 101 -16.81 4.93 8.29
C ALA A 101 -15.99 4.15 7.26
N THR A 102 -16.57 3.94 6.08
CA THR A 102 -15.89 3.41 4.89
C THR A 102 -16.87 3.54 3.73
N HIS A 103 -16.43 3.09 2.56
CA HIS A 103 -17.25 3.09 1.34
C HIS A 103 -17.19 1.67 0.79
N PRO A 104 -17.93 0.74 1.39
CA PRO A 104 -17.62 -0.68 1.21
C PRO A 104 -18.04 -1.28 -0.12
N SER A 105 -19.00 -0.67 -0.83
CA SER A 105 -19.50 -1.32 -2.03
C SER A 105 -18.56 -1.11 -3.21
N GLY A 106 -17.98 0.08 -3.35
CA GLY A 106 -17.14 0.38 -4.50
C GLY A 106 -15.94 -0.54 -4.62
N ALA A 107 -15.43 -1.04 -3.49
CA ALA A 107 -14.25 -1.88 -3.53
C ALA A 107 -14.56 -3.35 -3.80
N VAL A 108 -15.83 -3.75 -3.85
CA VAL A 108 -16.22 -5.15 -3.91
C VAL A 108 -16.87 -5.49 -5.25
N LEU A 109 -17.91 -4.74 -5.64
CA LEU A 109 -18.66 -5.06 -6.85
C LEU A 109 -17.81 -5.19 -8.11
N PRO A 110 -16.88 -4.25 -8.42
CA PRO A 110 -16.07 -4.43 -9.63
C PRO A 110 -15.26 -5.71 -9.62
N VAL A 111 -14.85 -6.19 -8.43
CA VAL A 111 -14.04 -7.40 -8.35
C VAL A 111 -14.87 -8.61 -8.73
N LEU A 112 -16.06 -8.73 -8.14
CA LEU A 112 -16.91 -9.87 -8.43
C LEU A 112 -17.36 -9.85 -9.88
N THR A 113 -17.62 -8.67 -10.43
CA THR A 113 -18.00 -8.56 -11.83
C THR A 113 -16.87 -9.06 -12.74
N ALA A 114 -15.67 -8.50 -12.56
CA ALA A 114 -14.54 -8.90 -13.39
C ALA A 114 -14.24 -10.38 -13.26
N LEU A 115 -14.39 -10.94 -12.06
CA LEU A 115 -14.12 -12.37 -11.88
C LEU A 115 -15.18 -13.22 -12.55
N SER A 116 -16.46 -12.83 -12.46
CA SER A 116 -17.51 -13.59 -13.13
C SER A 116 -17.30 -13.60 -14.64
N GLU A 117 -16.75 -12.53 -15.20
CA GLU A 117 -16.49 -12.53 -16.63
C GLU A 117 -15.21 -13.28 -16.99
N ALA A 118 -14.11 -12.96 -16.32
CA ALA A 118 -12.79 -13.42 -16.77
C ALA A 118 -12.56 -14.91 -16.47
N LEU A 119 -12.98 -15.38 -15.31
CA LEU A 119 -12.64 -16.73 -14.82
C LEU A 119 -13.93 -17.49 -14.50
N PRO A 120 -14.67 -17.93 -15.53
CA PRO A 120 -15.93 -18.68 -15.35
C PRO A 120 -15.76 -19.99 -14.58
N LYS A 124 -21.23 -22.17 -13.63
CA LYS A 124 -21.78 -20.82 -13.77
C LYS A 124 -21.96 -20.15 -12.42
N PHE A 125 -21.62 -18.87 -12.35
CA PHE A 125 -21.87 -18.09 -11.14
C PHE A 125 -23.32 -17.62 -11.13
N SER A 126 -23.99 -17.74 -9.98
CA SER A 126 -25.39 -17.36 -9.86
C SER A 126 -25.50 -16.04 -9.12
N GLY A 127 -26.63 -15.37 -9.30
CA GLY A 127 -26.88 -14.14 -8.56
C GLY A 127 -26.73 -14.31 -7.06
N LEU A 128 -27.08 -15.50 -6.55
CA LEU A 128 -26.89 -15.75 -5.13
C LEU A 128 -25.41 -15.91 -4.78
N ASP A 129 -24.60 -16.41 -5.72
CA ASP A 129 -23.16 -16.50 -5.44
C ASP A 129 -22.53 -15.12 -5.41
N LEU A 130 -23.00 -14.25 -6.31
CA LEU A 130 -22.57 -12.86 -6.34
C LEU A 130 -22.95 -12.15 -5.05
N LEU A 131 -24.20 -12.33 -4.61
CA LEU A 131 -24.66 -11.71 -3.38
C LEU A 131 -23.89 -12.25 -2.17
N LEU A 132 -23.61 -13.55 -2.16
CA LEU A 132 -22.89 -14.14 -1.03
C LEU A 132 -21.49 -13.56 -0.92
N ALA A 133 -20.73 -13.56 -2.02
CA ALA A 133 -19.38 -13.00 -1.97
C ALA A 133 -19.40 -11.51 -1.63
N PHE A 134 -20.38 -10.77 -2.17
CA PHE A 134 -20.50 -9.35 -1.88
C PHE A 134 -20.73 -9.10 -0.39
N ASN A 135 -21.70 -9.80 0.20
CA ASN A 135 -21.97 -9.63 1.62
C ASN A 135 -20.82 -10.12 2.48
N VAL A 136 -20.06 -11.12 2.03
CA VAL A 136 -18.90 -11.55 2.78
C VAL A 136 -17.86 -10.43 2.83
N GLY A 137 -17.61 -9.77 1.69
CA GLY A 137 -16.69 -8.65 1.71
C GLY A 137 -17.18 -7.53 2.61
N ILE A 138 -18.47 -7.21 2.55
CA ILE A 138 -19.01 -6.12 3.37
C ILE A 138 -18.88 -6.48 4.85
N GLU A 139 -19.15 -7.75 5.18
CA GLU A 139 -19.07 -8.21 6.55
C GLU A 139 -17.64 -8.13 7.08
N VAL A 140 -16.69 -8.55 6.26
CA VAL A 140 -15.28 -8.51 6.66
C VAL A 140 -14.84 -7.08 6.93
N GLN A 141 -15.26 -6.14 6.07
CA GLN A 141 -14.91 -4.74 6.33
C GLN A 141 -15.49 -4.26 7.65
N GLY A 142 -16.76 -4.56 7.91
CA GLY A 142 -17.37 -4.14 9.17
C GLY A 142 -16.66 -4.71 10.38
N ARG A 143 -16.44 -6.02 10.38
CA ARG A 143 -15.75 -6.67 11.50
C ARG A 143 -14.35 -6.11 11.71
N LEU A 144 -13.63 -5.80 10.62
CA LEU A 144 -12.31 -5.23 10.80
C LEU A 144 -12.38 -3.84 11.40
N MET A 145 -13.36 -3.03 10.97
CA MET A 145 -13.48 -1.68 11.49
C MET A 145 -13.87 -1.68 12.96
N HIS A 146 -14.58 -2.73 13.41
CA HIS A 146 -14.92 -2.73 14.85
C HIS A 146 -13.71 -3.07 15.76
N PHE A 147 -12.48 -3.20 15.26
CA PHE A 147 -11.33 -3.45 16.10
C PHE A 147 -10.59 -2.17 16.52
N SER A 148 -11.10 -1.00 16.15
CA SER A 148 -10.44 0.26 16.50
C SER A 148 -11.50 1.34 16.68
N LYS A 149 -11.40 2.07 17.79
CA LYS A 149 -12.42 3.05 18.13
C LYS A 149 -12.55 4.14 17.07
N GLU A 150 -11.41 4.60 16.54
CA GLU A 150 -11.43 5.71 15.59
C GLU A 150 -12.19 5.37 14.32
N ALA A 151 -12.47 4.09 14.08
CA ALA A 151 -13.26 3.72 12.91
C ALA A 151 -14.66 4.31 12.96
N LYS A 152 -15.16 4.65 14.15
CA LYS A 152 -16.48 5.27 14.20
C LYS A 152 -16.44 6.73 13.73
N ASP A 153 -15.26 7.34 13.69
CA ASP A 153 -15.10 8.75 13.38
C ASP A 153 -14.71 8.95 11.92
N ILE A 154 -14.84 10.18 11.47
CA ILE A 154 -14.35 10.56 10.13
C ILE A 154 -12.83 10.52 10.14
N PRO A 155 -12.20 9.81 9.19
CA PRO A 155 -10.78 9.48 9.33
C PRO A 155 -9.86 10.70 9.31
N LYS A 156 -8.74 10.58 10.05
CA LYS A 156 -7.72 11.63 10.08
C LYS A 156 -6.32 11.18 9.66
N ARG A 157 -6.05 9.89 9.54
CA ARG A 157 -4.74 9.42 9.11
C ARG A 157 -4.81 8.52 7.88
N PHE A 158 -5.38 7.33 7.97
CA PHE A 158 -5.53 6.47 6.81
C PHE A 158 -6.96 6.53 6.28
N HIS A 159 -7.13 6.23 5.00
CA HIS A 159 -8.43 6.30 4.35
C HIS A 159 -9.06 4.91 4.40
N PRO A 160 -10.11 4.70 5.20
CA PRO A 160 -10.60 3.34 5.51
C PRO A 160 -10.80 2.48 4.27
N PRO A 161 -11.37 2.99 3.17
CA PRO A 161 -11.56 2.12 2.01
C PRO A 161 -10.29 1.50 1.47
N SER A 162 -9.12 2.09 1.72
CA SER A 162 -7.87 1.49 1.29
C SER A 162 -7.37 0.43 2.25
N VAL A 163 -7.91 0.39 3.47
CA VAL A 163 -7.42 -0.51 4.53
C VAL A 163 -8.39 -1.68 4.68
N VAL A 164 -9.61 -1.41 5.13
CA VAL A 164 -10.58 -2.49 5.25
C VAL A 164 -11.17 -2.86 3.90
N GLY A 165 -11.24 -1.91 2.97
CA GLY A 165 -11.75 -2.23 1.64
C GLY A 165 -10.88 -3.22 0.90
N THR A 166 -9.56 -3.15 1.10
CA THR A 166 -8.65 -4.08 0.45
C THR A 166 -8.88 -5.50 0.94
N LEU A 167 -8.99 -5.68 2.27
CA LEU A 167 -9.23 -7.02 2.81
C LEU A 167 -10.64 -7.51 2.50
N GLY A 168 -11.63 -6.61 2.51
CA GLY A 168 -12.96 -7.00 2.09
C GLY A 168 -13.02 -7.46 0.64
N SER A 169 -12.32 -6.74 -0.24
CA SER A 169 -12.20 -7.17 -1.63
C SER A 169 -11.56 -8.55 -1.72
N ALA A 170 -10.46 -8.75 -0.97
CA ALA A 170 -9.80 -10.04 -0.98
C ALA A 170 -10.73 -11.15 -0.49
N ALA A 171 -11.52 -10.86 0.54
CA ALA A 171 -12.46 -11.84 1.07
C ALA A 171 -13.52 -12.17 0.03
N ALA A 172 -14.08 -11.15 -0.63
CA ALA A 172 -15.11 -11.38 -1.63
C ALA A 172 -14.56 -12.18 -2.81
N ALA A 173 -13.35 -11.84 -3.28
CA ALA A 173 -12.76 -12.57 -4.39
C ALA A 173 -12.46 -14.03 -4.00
N SER A 174 -11.91 -14.23 -2.80
CA SER A 174 -11.61 -15.59 -2.34
C SER A 174 -12.87 -16.41 -2.19
N LYS A 175 -13.94 -15.79 -1.69
CA LYS A 175 -15.21 -16.50 -1.52
C LYS A 175 -15.80 -16.86 -2.87
N PHE A 176 -15.82 -15.90 -3.79
CA PHE A 176 -16.44 -16.10 -5.09
C PHE A 176 -15.71 -17.17 -5.89
N LEU A 177 -14.37 -17.13 -5.88
CA LEU A 177 -13.60 -18.11 -6.64
C LEU A 177 -13.65 -19.48 -5.97
N GLY A 178 -13.79 -19.53 -4.65
CA GLY A 178 -13.91 -20.80 -3.95
C GLY A 178 -12.65 -21.31 -3.28
N LEU A 179 -11.87 -20.39 -2.71
CA LEU A 179 -10.62 -20.77 -2.06
C LEU A 179 -10.88 -21.56 -0.79
N SER A 180 -9.90 -22.40 -0.44
CA SER A 180 -9.95 -23.15 0.81
C SER A 180 -9.82 -22.23 2.01
N LEU A 181 -10.04 -22.80 3.19
CA LEU A 181 -9.96 -22.04 4.43
C LEU A 181 -8.61 -21.35 4.57
N THR A 182 -7.53 -22.11 4.46
CA THR A 182 -6.21 -21.54 4.67
C THR A 182 -5.81 -20.59 3.56
N LYS A 183 -6.27 -20.83 2.32
CA LYS A 183 -5.96 -19.89 1.25
C LYS A 183 -6.76 -18.59 1.39
N CYS A 184 -7.97 -18.64 1.96
CA CYS A 184 -8.64 -17.38 2.30
C CYS A 184 -7.85 -16.61 3.33
N ARG A 185 -7.37 -17.32 4.37
CA ARG A 185 -6.54 -16.65 5.38
C ARG A 185 -5.33 -16.00 4.73
N GLU A 186 -4.65 -16.75 3.85
CA GLU A 186 -3.44 -16.24 3.23
C GLU A 186 -3.73 -15.06 2.32
N ALA A 187 -4.89 -15.08 1.64
CA ALA A 187 -5.29 -13.94 0.83
C ALA A 187 -5.43 -12.70 1.69
N LEU A 188 -6.02 -12.84 2.88
CA LEU A 188 -6.12 -11.68 3.77
C LEU A 188 -4.75 -11.19 4.21
N ALA A 189 -3.86 -12.13 4.58
CA ALA A 189 -2.54 -11.76 5.06
C ALA A 189 -1.74 -11.06 3.97
N ILE A 190 -1.89 -11.48 2.72
CA ILE A 190 -1.21 -10.81 1.61
C ILE A 190 -1.83 -9.44 1.36
N ALA A 191 -3.17 -9.35 1.40
CA ALA A 191 -3.84 -8.09 1.17
C ALA A 191 -3.41 -7.02 2.18
N VAL A 192 -3.08 -7.43 3.41
CA VAL A 192 -2.66 -6.45 4.42
C VAL A 192 -1.43 -5.68 3.94
N SER A 193 -0.52 -6.36 3.24
CA SER A 193 0.69 -5.72 2.72
C SER A 193 0.43 -4.83 1.50
N HIS A 194 -0.82 -4.72 1.05
CA HIS A 194 -1.20 -3.84 -0.05
C HIS A 194 -2.17 -2.74 0.39
N ALA A 195 -2.32 -2.49 1.69
CA ALA A 195 -3.50 -1.82 2.21
C ALA A 195 -3.29 -0.39 2.71
N GLY A 196 -2.11 0.21 2.57
CA GLY A 196 -1.85 1.50 3.18
C GLY A 196 -2.01 2.67 2.22
N ALA A 197 -2.80 3.67 2.62
CA ALA A 197 -2.97 4.92 1.89
C ALA A 197 -3.49 6.04 2.79
N PRO A 198 -2.86 7.21 2.78
CA PRO A 198 -3.23 8.28 3.70
C PRO A 198 -4.43 9.10 3.25
N ILE A 199 -5.07 9.74 4.23
CA ILE A 199 -6.26 10.57 4.02
C ILE A 199 -5.98 11.87 3.27
N ALA A 200 -4.72 12.36 3.25
CA ALA A 200 -4.49 13.66 2.62
C ALA A 200 -4.87 13.65 1.15
N ASN A 201 -4.57 12.55 0.45
CA ASN A 201 -4.90 12.51 -0.97
C ASN A 201 -6.39 12.42 -1.19
N ALA A 202 -7.15 12.37 -0.09
CA ALA A 202 -8.59 12.42 -0.17
C ALA A 202 -9.05 13.74 -0.75
N ALA A 203 -8.30 14.82 -0.55
CA ALA A 203 -8.80 16.10 -1.01
C ALA A 203 -8.48 16.38 -2.47
N THR A 204 -7.92 15.42 -3.20
CA THR A 204 -7.44 15.69 -4.56
C THR A 204 -7.93 14.61 -5.52
N GLN A 205 -7.38 14.67 -6.74
CA GLN A 205 -7.73 13.78 -7.85
C GLN A 205 -7.30 12.34 -7.62
N THR A 206 -6.40 12.07 -6.66
CA THR A 206 -5.92 10.70 -6.45
C THR A 206 -6.95 9.85 -5.72
N LYS A 207 -7.75 10.45 -4.84
CA LYS A 207 -8.72 9.75 -3.99
C LYS A 207 -9.43 8.57 -4.66
N PRO A 208 -10.00 8.66 -5.86
CA PRO A 208 -10.72 7.51 -6.41
C PRO A 208 -9.87 6.25 -6.50
N LEU A 209 -8.56 6.37 -6.68
CA LEU A 209 -7.74 5.19 -6.85
C LEU A 209 -7.67 4.38 -5.58
N HIS A 210 -7.98 5.00 -4.44
CA HIS A 210 -8.03 4.27 -3.18
C HIS A 210 -9.05 3.14 -3.26
N ILE A 211 -10.18 3.39 -3.92
CA ILE A 211 -11.11 2.29 -4.19
C ILE A 211 -10.56 1.37 -5.26
N GLY A 212 -10.04 1.93 -6.36
CA GLY A 212 -9.52 1.12 -7.44
C GLY A 212 -8.51 0.10 -6.92
N ASN A 213 -7.45 0.60 -6.26
CA ASN A 213 -6.45 -0.29 -5.72
C ASN A 213 -7.07 -1.27 -4.72
N ALA A 214 -8.01 -0.78 -3.91
CA ALA A 214 -8.69 -1.67 -2.97
C ALA A 214 -9.36 -2.82 -3.71
N ALA A 215 -10.00 -2.53 -4.84
CA ALA A 215 -10.54 -3.58 -5.69
C ALA A 215 -9.40 -4.39 -6.33
N LYS A 216 -8.38 -3.70 -6.84
CA LYS A 216 -7.29 -4.37 -7.54
C LYS A 216 -6.51 -5.26 -6.57
N HIS A 217 -5.93 -4.65 -5.54
CA HIS A 217 -4.98 -5.36 -4.68
C HIS A 217 -5.63 -6.56 -4.00
N GLY A 218 -6.87 -6.39 -3.53
CA GLY A 218 -7.57 -7.53 -2.96
C GLY A 218 -7.58 -8.69 -3.90
N MET A 219 -7.99 -8.45 -5.15
CA MET A 219 -7.97 -9.52 -6.14
C MET A 219 -6.57 -10.08 -6.29
N GLU A 220 -5.57 -9.19 -6.41
CA GLU A 220 -4.20 -9.66 -6.55
C GLU A 220 -3.82 -10.55 -5.37
N ALA A 221 -4.19 -10.15 -4.16
CA ALA A 221 -3.85 -10.96 -3.01
C ALA A 221 -4.46 -12.34 -3.15
N THR A 222 -5.75 -12.41 -3.53
CA THR A 222 -6.37 -13.71 -3.70
C THR A 222 -5.60 -14.53 -4.72
N PHE A 223 -5.21 -13.93 -5.84
CA PHE A 223 -4.46 -14.67 -6.85
C PHE A 223 -3.16 -15.20 -6.26
N LEU A 224 -2.43 -14.33 -5.53
CA LEU A 224 -1.18 -14.79 -4.93
C LEU A 224 -1.44 -15.89 -3.91
N ALA A 225 -2.57 -15.81 -3.19
CA ALA A 225 -2.94 -16.87 -2.28
C ALA A 225 -3.21 -18.18 -3.03
N MET A 226 -3.84 -18.08 -4.20
CA MET A 226 -4.13 -19.26 -4.97
C MET A 226 -2.85 -19.94 -5.42
N LEU A 227 -1.81 -19.16 -5.67
CA LEU A 227 -0.51 -19.71 -6.04
C LEU A 227 0.24 -20.25 -4.84
N GLY A 228 -0.29 -20.08 -3.63
CA GLY A 228 0.32 -20.61 -2.44
C GLY A 228 1.26 -19.68 -1.71
N LEU A 229 1.26 -18.39 -2.05
CA LEU A 229 2.08 -17.43 -1.32
C LEU A 229 1.55 -17.30 0.10
N GLN A 230 2.44 -17.37 1.08
CA GLN A 230 2.09 -17.36 2.49
C GLN A 230 2.38 -16.01 3.13
N GLY A 231 1.54 -15.61 4.08
CA GLY A 231 1.76 -14.43 4.90
C GLY A 231 1.72 -14.78 6.37
N ASN A 232 1.63 -13.78 7.23
CA ASN A 232 1.61 -14.03 8.67
C ASN A 232 0.25 -14.61 9.04
N LYS A 233 0.27 -15.81 9.61
CA LYS A 233 -0.95 -16.55 9.93
C LYS A 233 -1.81 -15.87 10.99
N GLN A 234 -1.27 -14.91 11.74
CA GLN A 234 -2.01 -14.19 12.77
C GLN A 234 -1.99 -12.69 12.50
N ILE A 235 -2.01 -12.31 11.22
CA ILE A 235 -1.86 -10.92 10.78
C ILE A 235 -2.93 -10.03 11.40
N LEU A 236 -4.11 -10.56 11.69
CA LEU A 236 -5.20 -9.75 12.22
C LEU A 236 -5.18 -9.73 13.74
N ASP A 237 -4.23 -10.40 14.38
CA ASP A 237 -4.11 -10.41 15.82
C ASP A 237 -2.92 -9.61 16.31
N LEU A 238 -2.16 -9.02 15.39
CA LEU A 238 -0.97 -8.28 15.76
C LEU A 238 -1.19 -6.79 15.55
N GLY A 239 -0.80 -5.99 16.54
CA GLY A 239 -0.74 -4.56 16.33
C GLY A 239 0.34 -4.17 15.35
N SER A 240 1.35 -5.04 15.17
CA SER A 240 2.40 -4.87 14.19
C SER A 240 1.99 -5.39 12.83
N GLY A 241 0.78 -5.93 12.70
CA GLY A 241 0.25 -6.40 11.45
C GLY A 241 -0.79 -5.44 10.91
N PHE A 242 -2.01 -5.93 10.74
CA PHE A 242 -3.10 -5.07 10.29
C PHE A 242 -3.26 -3.87 11.24
N GLY A 243 -3.05 -4.09 12.53
CA GLY A 243 -3.17 -3.03 13.51
C GLY A 243 -2.23 -1.88 13.29
N ALA A 244 -1.26 -2.02 12.39
CA ALA A 244 -0.40 -0.89 12.04
C ALA A 244 -1.19 0.27 11.47
N PHE A 245 -2.41 0.04 10.99
CA PHE A 245 -3.19 1.11 10.39
C PHE A 245 -4.10 1.82 11.38
N TYR A 246 -4.14 1.39 12.64
CA TYR A 246 -5.10 1.92 13.60
C TYR A 246 -4.44 2.25 14.92
N ALA A 247 -4.88 3.35 15.52
CA ALA A 247 -4.54 3.64 16.90
C ALA A 247 -5.37 2.80 17.83
N ASN A 248 -4.75 2.30 18.91
CA ASN A 248 -5.43 1.51 19.93
C ASN A 248 -6.16 0.32 19.32
N TYR A 249 -5.48 -0.39 18.42
CA TYR A 249 -6.05 -1.56 17.79
C TYR A 249 -6.27 -2.67 18.81
N SER A 250 -7.48 -3.22 18.85
CA SER A 250 -7.85 -4.22 19.85
C SER A 250 -8.76 -5.26 19.21
N PRO A 251 -8.19 -6.26 18.55
CA PRO A 251 -9.00 -7.23 17.81
C PRO A 251 -9.72 -8.21 18.72
N GLU A 252 -10.85 -8.72 18.23
CA GLU A 252 -11.65 -9.70 18.93
C GLU A 252 -12.00 -10.83 17.99
N ASP A 253 -12.23 -12.02 18.56
CA ASP A 253 -12.68 -13.15 17.76
C ASP A 253 -14.03 -12.84 17.14
N LEU A 254 -14.26 -13.40 15.97
CA LEU A 254 -15.60 -13.27 15.41
C LEU A 254 -16.49 -14.27 16.12
N PRO A 255 -17.78 -14.00 16.23
CA PRO A 255 -18.67 -14.96 16.90
C PRO A 255 -18.74 -16.25 16.10
N SER A 256 -18.94 -17.35 16.82
CA SER A 256 -19.14 -18.63 16.16
C SER A 256 -20.35 -18.55 15.23
N LEU A 257 -20.30 -19.32 14.13
CA LEU A 257 -21.45 -19.36 13.23
C LEU A 257 -22.70 -19.83 13.94
N ASP A 258 -22.56 -20.41 15.13
CA ASP A 258 -23.73 -20.76 15.92
C ASP A 258 -24.45 -19.53 16.43
N SER A 259 -23.75 -18.39 16.50
CA SER A 259 -24.32 -17.14 17.01
C SER A 259 -24.09 -15.94 16.09
N HIS A 260 -23.56 -16.15 14.89
CA HIS A 260 -23.19 -15.04 14.00
C HIS A 260 -24.41 -14.30 13.44
N ILE A 261 -24.31 -12.97 13.40
CA ILE A 261 -25.30 -12.08 12.81
C ILE A 261 -24.62 -11.18 11.78
N TRP A 262 -25.24 -11.03 10.60
CA TRP A 262 -24.68 -10.13 9.59
C TRP A 262 -24.71 -8.69 10.11
N LEU A 263 -23.64 -7.94 9.83
CA LEU A 263 -23.62 -6.54 10.23
C LEU A 263 -24.56 -5.70 9.37
N LEU A 264 -24.60 -5.96 8.06
CA LEU A 264 -25.46 -5.17 7.18
C LEU A 264 -26.93 -5.33 7.55
N ASP A 265 -27.30 -6.49 8.09
CA ASP A 265 -28.66 -6.72 8.54
C ASP A 265 -29.06 -5.81 9.68
N GLN A 266 -28.08 -5.24 10.39
CA GLN A 266 -28.32 -4.36 11.53
C GLN A 266 -28.02 -2.90 11.23
N GLN A 267 -27.06 -2.61 10.35
CA GLN A 267 -26.60 -1.26 10.05
C GLN A 267 -26.71 -1.03 8.54
N ASP A 268 -27.63 -0.16 8.13
CA ASP A 268 -27.80 0.16 6.73
C ASP A 268 -26.73 1.16 6.26
N VAL A 269 -26.70 1.38 4.95
CA VAL A 269 -25.77 2.33 4.35
C VAL A 269 -26.53 3.62 4.07
N ALA A 270 -25.78 4.72 4.00
CA ALA A 270 -26.34 5.99 3.56
C ALA A 270 -26.05 6.17 2.07
N PHE A 271 -27.06 6.66 1.34
CA PHE A 271 -26.90 6.94 -0.08
C PHE A 271 -26.87 8.45 -0.31
N LYS A 272 -25.96 8.88 -1.17
CA LYS A 272 -25.77 10.29 -1.42
C LYS A 272 -26.76 10.81 -2.46
N SER A 273 -27.12 12.09 -2.32
CA SER A 273 -27.97 12.79 -3.26
C SER A 273 -27.20 13.63 -4.27
N PHE A 274 -26.04 14.15 -3.88
CA PHE A 274 -25.16 14.93 -4.74
C PHE A 274 -23.72 14.52 -4.49
N PRO A 275 -22.86 14.62 -5.52
CA PRO A 275 -21.49 14.09 -5.41
C PRO A 275 -20.55 14.90 -4.53
N ALA A 276 -20.63 14.67 -3.22
CA ALA A 276 -19.73 15.34 -2.28
C ALA A 276 -19.55 14.45 -1.06
N HIS A 277 -18.61 14.88 -0.20
CA HIS A 277 -18.35 14.21 1.06
C HIS A 277 -19.64 14.14 1.87
N LEU A 278 -19.86 13.02 2.55
CA LEU A 278 -21.14 12.81 3.23
C LEU A 278 -21.45 13.90 4.25
N ALA A 279 -20.41 14.46 4.89
CA ALA A 279 -20.67 15.48 5.89
C ALA A 279 -21.39 16.67 5.29
N THR A 280 -21.10 17.00 4.03
CA THR A 280 -21.72 18.16 3.42
C THR A 280 -23.20 17.93 3.16
N HIS A 281 -23.64 16.66 3.15
CA HIS A 281 -25.06 16.40 3.02
C HIS A 281 -25.84 16.91 4.22
N TRP A 282 -25.20 17.01 5.38
CA TRP A 282 -25.90 17.72 6.46
C TRP A 282 -25.97 19.19 6.14
N VAL A 283 -24.85 19.76 5.69
CA VAL A 283 -24.77 21.19 5.43
C VAL A 283 -25.84 21.58 4.43
N ALA A 284 -25.84 20.92 3.26
CA ALA A 284 -26.80 21.26 2.23
C ALA A 284 -28.21 21.25 2.80
N ASP A 285 -28.54 20.21 3.58
CA ASP A 285 -29.90 20.10 4.09
C ASP A 285 -30.23 21.31 4.94
N ALA A 286 -29.35 21.61 5.91
CA ALA A 286 -29.57 22.79 6.75
C ALA A 286 -29.65 24.03 5.89
N ALA A 287 -28.72 24.20 4.95
CA ALA A 287 -28.77 25.39 4.11
C ALA A 287 -30.08 25.48 3.36
N ALA A 288 -30.55 24.35 2.79
CA ALA A 288 -31.80 24.37 2.04
C ALA A 288 -32.95 24.87 2.90
N ALA A 289 -32.90 24.58 4.20
CA ALA A 289 -33.96 25.06 5.08
C ALA A 289 -33.86 26.57 5.29
N VAL A 290 -32.64 27.06 5.60
CA VAL A 290 -32.55 28.45 6.05
C VAL A 290 -32.89 29.44 4.95
N ARG A 291 -32.56 29.14 3.69
CA ARG A 291 -32.91 30.04 2.61
C ARG A 291 -34.42 30.23 2.50
N LYS A 292 -35.21 29.30 3.05
CA LYS A 292 -36.65 29.45 3.01
C LYS A 292 -37.10 30.73 3.70
N HIS A 293 -36.29 31.27 4.61
CA HIS A 293 -36.67 32.50 5.30
C HIS A 293 -36.17 33.73 4.58
N LEU A 294 -35.35 33.55 3.54
CA LEU A 294 -34.75 34.61 2.75
C LEU A 294 -35.32 34.71 1.35
N VAL A 295 -35.73 33.59 0.77
CA VAL A 295 -36.23 33.53 -0.60
C VAL A 295 -37.70 33.11 -0.60
N PRO A 303 -30.85 36.80 -1.58
CA PRO A 303 -30.33 38.14 -1.27
C PRO A 303 -28.86 38.11 -0.84
N ALA A 304 -27.98 37.72 -1.77
CA ALA A 304 -26.59 37.46 -1.41
C ALA A 304 -25.87 38.73 -0.95
N ASP A 305 -26.31 39.89 -1.41
CA ASP A 305 -25.62 41.14 -1.12
C ASP A 305 -26.14 41.82 0.15
N HIS A 306 -27.08 41.20 0.87
CA HIS A 306 -27.66 41.79 2.06
C HIS A 306 -27.31 41.00 3.32
N ILE A 307 -26.33 40.11 3.26
CA ILE A 307 -26.01 39.19 4.35
C ILE A 307 -24.75 39.69 5.04
N GLU A 308 -24.81 39.78 6.37
CA GLU A 308 -23.62 40.12 7.15
C GLU A 308 -22.67 38.92 7.23
N ARG A 309 -23.19 37.75 7.61
CA ARG A 309 -22.33 36.59 7.81
C ARG A 309 -23.16 35.31 7.64
N ILE A 310 -22.43 34.22 7.36
CA ILE A 310 -22.99 32.87 7.39
C ILE A 310 -22.17 32.07 8.39
N VAL A 311 -22.82 31.60 9.44
CA VAL A 311 -22.18 30.78 10.47
C VAL A 311 -22.62 29.34 10.27
N LEU A 312 -21.66 28.44 10.15
CA LEU A 312 -21.92 27.04 9.80
C LEU A 312 -21.33 26.17 10.91
N ARG A 313 -22.21 25.58 11.72
CA ARG A 313 -21.77 24.78 12.86
C ARG A 313 -21.62 23.33 12.43
N ILE A 314 -20.43 22.78 12.62
CA ILE A 314 -20.00 21.59 11.90
C ILE A 314 -18.72 21.12 12.56
N PRO A 315 -18.43 19.82 12.61
CA PRO A 315 -17.25 19.36 13.36
C PRO A 315 -15.95 19.73 12.67
N ASP A 316 -14.86 19.55 13.41
CA ASP A 316 -13.51 19.93 12.97
C ASP A 316 -12.92 18.80 12.12
N VAL A 317 -13.39 18.73 10.88
CA VAL A 317 -12.87 17.80 9.89
C VAL A 317 -12.09 18.64 8.89
N GLN A 318 -10.76 18.69 9.05
CA GLN A 318 -9.95 19.62 8.26
C GLN A 318 -9.96 19.30 6.77
N TYR A 319 -10.05 18.03 6.39
CA TYR A 319 -9.87 17.74 4.97
C TYR A 319 -11.13 18.02 4.15
N VAL A 320 -12.20 18.47 4.80
CA VAL A 320 -13.38 19.03 4.13
C VAL A 320 -13.60 20.49 4.51
N ASN A 321 -12.57 21.13 5.05
CA ASN A 321 -12.63 22.53 5.47
C ASN A 321 -11.89 23.32 4.39
N ARG A 322 -12.64 23.85 3.43
CA ARG A 322 -12.09 24.56 2.28
C ARG A 322 -12.93 25.79 2.02
N PRO A 323 -12.64 26.90 2.71
CA PRO A 323 -13.44 28.12 2.50
C PRO A 323 -13.33 28.71 1.11
N PHE A 324 -12.24 28.41 0.40
CA PHE A 324 -11.99 28.96 -0.93
C PHE A 324 -11.44 27.84 -1.80
N PRO A 325 -12.30 26.97 -2.31
CA PRO A 325 -11.85 25.86 -3.15
C PRO A 325 -11.34 26.34 -4.49
N ASP A 326 -10.39 25.58 -5.04
CA ASP A 326 -9.86 25.90 -6.36
C ASP A 326 -10.48 25.08 -7.48
N SER A 327 -10.67 23.78 -7.27
CA SER A 327 -11.08 22.85 -8.31
C SER A 327 -12.30 22.04 -7.87
N GLU A 328 -12.67 21.12 -8.75
CA GLU A 328 -13.71 20.13 -8.51
C GLU A 328 -13.53 19.43 -7.17
N HIS A 329 -12.31 19.00 -6.88
CA HIS A 329 -12.08 18.11 -5.76
C HIS A 329 -12.17 18.85 -4.42
N GLU A 330 -11.70 20.10 -4.38
CA GLU A 330 -11.88 20.89 -3.17
C GLU A 330 -13.35 21.21 -2.96
N ALA A 331 -14.08 21.50 -4.04
CA ALA A 331 -15.51 21.80 -3.92
C ALA A 331 -16.29 20.60 -3.38
N ARG A 332 -15.92 19.39 -3.77
CA ARG A 332 -16.57 18.21 -3.21
C ARG A 332 -16.23 18.04 -1.73
N HIS A 333 -15.14 18.64 -1.26
CA HIS A 333 -14.72 18.57 0.13
C HIS A 333 -14.73 19.94 0.77
N SER A 334 -15.81 20.70 0.58
CA SER A 334 -15.92 22.05 1.11
C SER A 334 -17.25 22.23 1.82
N PHE A 335 -17.23 22.37 3.15
CA PHE A 335 -18.43 22.73 3.88
C PHE A 335 -18.99 24.05 3.37
N GLN A 336 -18.10 25.03 3.19
CA GLN A 336 -18.49 26.39 2.86
C GLN A 336 -19.08 26.46 1.47
N TYR A 337 -18.46 25.78 0.50
CA TYR A 337 -19.00 25.78 -0.86
C TYR A 337 -20.38 25.14 -0.91
N VAL A 338 -20.55 24.01 -0.22
CA VAL A 338 -21.85 23.33 -0.23
C VAL A 338 -22.91 24.25 0.35
N ALA A 339 -22.60 24.92 1.47
CA ALA A 339 -23.56 25.85 2.05
C ALA A 339 -23.93 26.95 1.07
N CYS A 340 -22.91 27.58 0.46
CA CYS A 340 -23.17 28.74 -0.39
C CYS A 340 -23.89 28.35 -1.69
N ALA A 341 -23.55 27.19 -2.25
CA ALA A 341 -24.23 26.73 -3.46
C ALA A 341 -25.68 26.37 -3.15
N SER A 342 -25.93 25.74 -2.00
CA SER A 342 -27.31 25.46 -1.61
C SER A 342 -28.10 26.75 -1.46
N LEU A 343 -27.49 27.76 -0.85
CA LEU A 343 -28.17 29.04 -0.67
C LEU A 343 -28.45 29.73 -2.01
N LEU A 344 -27.48 29.72 -2.93
CA LEU A 344 -27.67 30.42 -4.19
C LEU A 344 -28.63 29.70 -5.11
N ASP A 345 -28.48 28.39 -5.26
CA ASP A 345 -29.22 27.67 -6.28
C ASP A 345 -30.54 27.10 -5.79
N GLY A 346 -30.63 26.76 -4.50
CA GLY A 346 -31.81 26.10 -4.00
C GLY A 346 -31.68 24.60 -3.99
N SER A 347 -30.65 24.08 -4.65
CA SER A 347 -30.38 22.65 -4.74
C SER A 347 -28.93 22.47 -5.15
N ILE A 348 -28.42 21.26 -4.92
CA ILE A 348 -27.10 20.87 -5.39
C ILE A 348 -27.26 19.66 -6.29
N THR A 349 -26.66 19.71 -7.46
CA THR A 349 -26.71 18.64 -8.44
C THR A 349 -25.29 18.34 -8.86
N VAL A 350 -25.12 17.38 -9.77
CA VAL A 350 -23.78 17.06 -10.26
C VAL A 350 -23.10 18.27 -10.88
N PRO A 351 -23.70 18.97 -11.85
CA PRO A 351 -23.01 20.14 -12.45
C PRO A 351 -22.64 21.21 -11.44
N SER A 352 -23.18 21.17 -10.22
CA SER A 352 -22.79 22.15 -9.23
C SER A 352 -21.31 22.11 -8.91
N PHE A 353 -20.64 20.98 -9.19
CA PHE A 353 -19.24 20.83 -8.84
C PHE A 353 -18.32 21.00 -10.04
N HIS A 354 -18.83 21.53 -11.14
CA HIS A 354 -18.01 21.92 -12.27
C HIS A 354 -17.27 23.21 -11.95
N SER A 355 -16.08 23.36 -12.54
CA SER A 355 -15.21 24.49 -12.18
C SER A 355 -15.89 25.83 -12.40
N GLN A 356 -16.65 25.96 -13.49
CA GLN A 356 -17.33 27.23 -13.77
C GLN A 356 -18.41 27.53 -12.74
N GLN A 357 -18.93 26.52 -12.05
CA GLN A 357 -19.89 26.75 -10.98
C GLN A 357 -19.23 26.96 -9.63
N VAL A 358 -17.99 26.50 -9.47
CA VAL A 358 -17.31 26.64 -8.19
C VAL A 358 -16.69 28.03 -8.06
N ASN A 359 -16.12 28.55 -9.15
CA ASN A 359 -15.38 29.80 -9.12
C ASN A 359 -16.20 30.99 -9.60
N ARG A 360 -17.53 30.85 -9.69
CA ARG A 360 -18.40 31.95 -10.08
C ARG A 360 -18.46 33.02 -8.99
N PRO A 361 -18.59 34.29 -9.38
CA PRO A 361 -18.52 35.40 -8.39
C PRO A 361 -19.56 35.36 -7.28
N GLN A 362 -20.77 34.85 -7.52
CA GLN A 362 -21.76 34.81 -6.45
C GLN A 362 -21.30 33.88 -5.34
N VAL A 363 -20.73 32.74 -5.73
CA VAL A 363 -20.20 31.78 -4.76
C VAL A 363 -19.08 32.41 -3.96
N ARG A 364 -18.20 33.18 -4.61
CA ARG A 364 -17.08 33.79 -3.89
C ARG A 364 -17.56 34.86 -2.91
N GLU A 365 -18.52 35.68 -3.34
CA GLU A 365 -19.08 36.70 -2.45
C GLU A 365 -19.71 36.06 -1.22
N LEU A 366 -20.36 34.90 -1.37
CA LEU A 366 -20.85 34.23 -0.15
C LEU A 366 -19.76 33.50 0.63
N LEU A 367 -18.78 32.92 -0.06
CA LEU A 367 -17.71 32.19 0.64
C LEU A 367 -16.95 33.11 1.57
N LYS A 368 -16.73 34.36 1.14
CA LYS A 368 -16.06 35.32 2.00
C LYS A 368 -16.83 35.59 3.29
N LYS A 369 -18.11 35.21 3.36
CA LYS A 369 -18.96 35.47 4.52
C LYS A 369 -19.09 34.28 5.48
N VAL A 370 -18.53 33.12 5.15
CA VAL A 370 -18.80 31.90 5.91
C VAL A 370 -17.83 31.76 7.08
N LYS A 371 -18.38 31.65 8.29
CA LYS A 371 -17.62 31.31 9.48
C LYS A 371 -18.00 29.90 9.94
N LEU A 372 -16.99 29.13 10.35
CA LEU A 372 -17.23 27.82 10.94
C LEU A 372 -17.12 27.90 12.46
N GLU A 373 -17.98 27.14 13.13
CA GLU A 373 -17.93 26.96 14.57
C GLU A 373 -18.01 25.47 14.86
N HIS A 374 -17.18 25.00 15.78
CA HIS A 374 -17.07 23.57 16.07
C HIS A 374 -17.45 23.32 17.53
N PRO A 375 -18.73 23.20 17.82
CA PRO A 375 -19.16 22.96 19.20
C PRO A 375 -18.87 21.53 19.63
N PRO A 376 -18.75 21.27 20.93
CA PRO A 376 -18.51 19.88 21.38
C PRO A 376 -19.63 18.94 21.01
N ASP A 377 -20.84 19.45 20.79
CA ASP A 377 -21.95 18.60 20.43
C ASP A 377 -21.74 17.93 19.07
N ASN A 378 -20.89 18.50 18.21
CA ASN A 378 -20.57 17.90 16.91
C ASN A 378 -19.24 17.18 16.97
N PRO A 379 -19.21 15.86 17.11
CA PRO A 379 -17.96 15.13 16.94
C PRO A 379 -17.77 14.80 15.47
N PRO A 380 -16.57 14.45 15.06
CA PRO A 380 -16.41 14.06 13.65
C PRO A 380 -16.85 12.62 13.37
N SER A 381 -18.16 12.42 13.28
CA SER A 381 -18.72 11.08 13.10
C SER A 381 -20.03 11.15 12.35
N PHE A 382 -20.17 10.32 11.30
CA PHE A 382 -21.35 10.32 10.46
C PHE A 382 -22.62 9.90 11.20
N ASP A 383 -22.50 9.26 12.35
CA ASP A 383 -23.68 8.76 13.07
C ASP A 383 -24.27 9.77 14.04
N THR A 384 -23.46 10.71 14.54
CA THR A 384 -23.91 11.69 15.52
C THR A 384 -23.77 13.11 15.01
N LEU A 385 -23.28 13.28 13.78
CA LEU A 385 -23.14 14.59 13.18
C LEU A 385 -24.48 15.29 12.97
N TYR A 386 -24.48 16.60 13.22
CA TYR A 386 -25.56 17.49 12.81
C TYR A 386 -24.95 18.72 12.18
N CYS A 387 -25.77 19.50 11.49
CA CYS A 387 -25.34 20.77 10.93
C CYS A 387 -26.37 21.84 11.25
N GLU A 388 -25.91 22.94 11.86
CA GLU A 388 -26.77 24.08 12.14
C GLU A 388 -26.18 25.28 11.41
N ILE A 389 -27.03 25.96 10.65
CA ILE A 389 -26.63 27.12 9.86
C ILE A 389 -27.41 28.32 10.34
N SER A 390 -26.71 29.44 10.53
CA SER A 390 -27.31 30.71 10.91
C SER A 390 -26.88 31.75 9.90
N ILE A 391 -27.84 32.52 9.41
CA ILE A 391 -27.58 33.61 8.48
C ILE A 391 -28.12 34.89 9.09
N THR A 392 -27.26 35.87 9.26
CA THR A 392 -27.61 37.17 9.79
C THR A 392 -27.58 38.17 8.66
N LEU A 393 -28.60 39.01 8.58
CA LEU A 393 -28.62 40.02 7.53
C LEU A 393 -27.94 41.28 8.03
N LYS A 394 -27.56 42.15 7.09
CA LYS A 394 -26.88 43.39 7.45
C LYS A 394 -27.73 44.29 8.34
N ASP A 395 -29.06 44.15 8.30
CA ASP A 395 -29.92 44.89 9.21
C ASP A 395 -30.07 44.22 10.58
N GLY A 396 -29.35 43.13 10.83
CA GLY A 396 -29.39 42.46 12.12
C GLY A 396 -30.32 41.26 12.20
N THR A 397 -31.20 41.07 11.22
CA THR A 397 -32.11 39.92 11.25
C THR A 397 -31.32 38.63 11.12
N THR A 398 -31.61 37.66 11.99
CA THR A 398 -30.91 36.38 12.01
C THR A 398 -31.90 35.23 11.91
N PHE A 399 -31.60 34.26 11.05
CA PHE A 399 -32.37 33.04 10.88
C PHE A 399 -31.48 31.84 11.16
N THR A 400 -32.04 30.80 11.76
CA THR A 400 -31.27 29.61 12.10
C THR A 400 -32.07 28.35 11.75
N GLU A 401 -31.41 27.39 11.12
CA GLU A 401 -32.03 26.10 10.86
C GLU A 401 -31.03 24.98 11.11
N ARG A 402 -31.53 23.80 11.45
CA ARG A 402 -30.67 22.69 11.84
C ARG A 402 -31.15 21.39 11.20
N SER A 403 -30.18 20.60 10.74
CA SER A 403 -30.42 19.29 10.16
C SER A 403 -29.65 18.27 10.99
N ASP A 404 -30.37 17.36 11.63
CA ASP A 404 -29.75 16.25 12.35
C ASP A 404 -29.61 15.01 11.49
N THR A 405 -30.52 14.83 10.54
CA THR A 405 -30.49 13.70 9.62
C THR A 405 -31.01 14.18 8.28
N PHE A 406 -30.33 13.82 7.20
CA PHE A 406 -30.71 14.21 5.86
C PHE A 406 -31.31 13.01 5.14
N TYR A 407 -32.14 13.28 4.14
CA TYR A 407 -32.76 12.20 3.38
C TYR A 407 -31.69 11.44 2.61
N GLY A 408 -31.63 10.13 2.82
CA GLY A 408 -30.59 9.27 2.28
C GLY A 408 -29.69 8.69 3.35
N HIS A 409 -29.61 9.35 4.51
CA HIS A 409 -28.87 8.82 5.64
C HIS A 409 -29.52 7.53 6.13
N TRP A 410 -28.70 6.65 6.74
CA TRP A 410 -29.25 5.38 7.20
C TRP A 410 -30.39 5.52 8.20
N ARG A 411 -30.55 6.68 8.84
CA ARG A 411 -31.75 6.91 9.66
C ARG A 411 -32.95 7.34 8.84
N LYS A 412 -32.74 7.85 7.63
CA LYS A 412 -33.82 8.25 6.73
C LYS A 412 -33.45 7.82 5.32
N PRO A 413 -33.40 6.50 5.07
CA PRO A 413 -32.83 6.02 3.81
C PRO A 413 -33.69 6.43 2.61
N LEU A 414 -33.03 6.47 1.44
CA LEU A 414 -33.73 6.77 0.21
C LEU A 414 -34.75 5.68 -0.11
N SER A 415 -35.92 6.09 -0.55
CA SER A 415 -36.93 5.13 -1.00
C SER A 415 -36.47 4.44 -2.28
N GLN A 416 -37.10 3.31 -2.59
CA GLN A 416 -36.74 2.58 -3.81
C GLN A 416 -36.99 3.44 -5.04
N GLU A 417 -38.04 4.26 -5.02
CA GLU A 417 -38.30 5.15 -6.16
C GLU A 417 -37.18 6.16 -6.34
N ASP A 418 -36.71 6.76 -5.23
CA ASP A 418 -35.68 7.78 -5.34
C ASP A 418 -34.32 7.17 -5.69
N LEU A 419 -34.00 6.00 -5.13
CA LEU A 419 -32.73 5.36 -5.47
C LEU A 419 -32.73 4.88 -6.92
N ARG A 420 -33.85 4.32 -7.39
CA ARG A 420 -33.95 3.92 -8.78
C ARG A 420 -33.82 5.12 -9.70
N ASN A 421 -34.41 6.26 -9.33
CA ASN A 421 -34.33 7.44 -10.19
C ASN A 421 -32.91 8.02 -10.19
N LYS A 422 -32.22 7.95 -9.06
CA LYS A 422 -30.80 8.29 -9.05
C LYS A 422 -30.03 7.41 -10.03
N PHE A 423 -30.24 6.10 -9.94
CA PHE A 423 -29.58 5.19 -10.87
C PHE A 423 -29.88 5.56 -12.31
N ARG A 424 -31.15 5.84 -12.62
CA ARG A 424 -31.52 6.19 -13.99
C ARG A 424 -30.79 7.45 -14.45
N ALA A 425 -30.84 8.50 -13.62
CA ALA A 425 -30.21 9.77 -13.98
C ALA A 425 -28.71 9.60 -14.23
N ASN A 426 -28.05 8.75 -13.44
CA ASN A 426 -26.60 8.59 -13.60
C ASN A 426 -26.27 7.65 -14.76
N ALA A 427 -26.86 6.46 -14.80
CA ALA A 427 -26.54 5.48 -15.83
C ALA A 427 -26.94 5.96 -17.22
N SER A 428 -28.00 6.78 -17.33
CA SER A 428 -28.45 7.25 -18.64
C SER A 428 -27.41 8.11 -19.34
N LYS A 429 -26.39 8.59 -18.62
CA LYS A 429 -25.34 9.37 -19.25
C LYS A 429 -24.52 8.52 -20.22
N MET A 430 -24.41 7.22 -19.95
CA MET A 430 -23.63 6.31 -20.78
C MET A 430 -24.48 5.31 -21.54
N LEU A 431 -25.59 4.87 -20.96
CA LEU A 431 -26.36 3.76 -21.49
C LEU A 431 -27.68 4.24 -22.10
N CYS A 432 -28.15 3.48 -23.08
CA CYS A 432 -29.50 3.66 -23.58
C CYS A 432 -30.49 3.33 -22.46
N ARG A 433 -31.49 4.20 -22.29
CA ARG A 433 -32.32 4.14 -21.10
C ARG A 433 -33.10 2.82 -21.00
N ASP A 434 -33.28 2.12 -22.12
CA ASP A 434 -33.89 0.80 -22.05
C ASP A 434 -32.92 -0.19 -21.42
N THR A 435 -31.63 -0.04 -21.71
CA THR A 435 -30.61 -0.85 -21.01
C THR A 435 -30.63 -0.53 -19.52
N VAL A 436 -30.87 0.75 -19.19
CA VAL A 436 -30.98 1.17 -17.79
C VAL A 436 -32.15 0.44 -17.12
N GLU A 437 -33.29 0.35 -17.81
CA GLU A 437 -34.44 -0.35 -17.22
C GLU A 437 -34.15 -1.83 -17.05
N SER A 438 -33.45 -2.43 -18.02
CA SER A 438 -33.07 -3.84 -17.88
C SER A 438 -32.15 -4.05 -16.68
N LEU A 439 -31.22 -3.11 -16.44
CA LEU A 439 -30.37 -3.21 -15.26
C LEU A 439 -31.18 -3.08 -13.98
N ILE A 440 -32.16 -2.17 -13.98
CA ILE A 440 -33.06 -2.05 -12.83
C ILE A 440 -33.67 -3.40 -12.52
N THR A 441 -34.26 -4.04 -13.53
CA THR A 441 -34.92 -5.33 -13.30
C THR A 441 -33.94 -6.40 -12.83
N VAL A 442 -32.78 -6.52 -13.50
CA VAL A 442 -31.85 -7.60 -13.19
C VAL A 442 -31.31 -7.45 -11.76
N VAL A 443 -30.95 -6.23 -11.36
CA VAL A 443 -30.46 -6.04 -10.00
C VAL A 443 -31.59 -6.25 -9.00
N GLU A 444 -32.79 -5.74 -9.29
CA GLU A 444 -33.92 -5.94 -8.39
C GLU A 444 -34.25 -7.41 -8.22
N LYS A 445 -34.04 -8.21 -9.27
CA LYS A 445 -34.33 -9.64 -9.24
C LYS A 445 -33.07 -10.50 -9.20
N LEU A 446 -31.95 -9.93 -8.74
CA LEU A 446 -30.68 -10.64 -8.69
C LEU A 446 -30.78 -11.97 -7.95
N GLU A 447 -31.67 -12.04 -6.95
CA GLU A 447 -31.83 -13.25 -6.15
C GLU A 447 -32.14 -14.47 -7.00
N ASP A 448 -32.92 -14.29 -8.06
CA ASP A 448 -33.41 -15.37 -8.90
C ASP A 448 -32.62 -15.50 -10.20
N LEU A 449 -31.50 -14.81 -10.31
CA LEU A 449 -30.73 -14.77 -11.54
C LEU A 449 -29.92 -16.05 -11.65
N GLU A 450 -30.16 -16.82 -12.71
CA GLU A 450 -29.50 -18.12 -12.86
C GLU A 450 -28.00 -17.97 -13.05
N ASP A 451 -27.57 -16.95 -13.78
CA ASP A 451 -26.14 -16.75 -14.04
C ASP A 451 -25.80 -15.27 -14.06
N CYS A 452 -24.66 -14.92 -13.46
CA CYS A 452 -24.22 -13.53 -13.42
C CYS A 452 -24.01 -12.96 -14.83
N SER A 453 -23.93 -13.82 -15.85
CA SER A 453 -23.72 -13.35 -17.21
C SER A 453 -24.77 -12.34 -17.62
N VAL A 454 -26.03 -12.54 -17.19
CA VAL A 454 -27.11 -11.64 -17.58
C VAL A 454 -26.83 -10.21 -17.11
N LEU A 455 -26.32 -10.06 -15.88
CA LEU A 455 -26.04 -8.72 -15.37
C LEU A 455 -24.83 -8.11 -16.05
N THR A 456 -23.75 -8.89 -16.22
CA THR A 456 -22.53 -8.35 -16.81
C THR A 456 -22.72 -7.97 -18.27
N ARG A 457 -23.58 -8.69 -19.01
CA ARG A 457 -23.86 -8.33 -20.39
C ARG A 457 -24.43 -6.91 -20.49
N LEU A 458 -25.31 -6.55 -19.55
CA LEU A 458 -25.86 -5.21 -19.54
C LEU A 458 -24.80 -4.14 -19.29
N LEU A 459 -23.63 -4.53 -18.77
CA LEU A 459 -22.54 -3.60 -18.57
C LEU A 459 -21.67 -3.47 -19.82
N LYS A 460 -21.94 -4.31 -20.81
CA LYS A 460 -21.29 -4.16 -22.11
C LYS A 460 -21.71 -2.85 -22.75
N GLY A 461 -22.99 -2.50 -22.67
CA GLY A 461 -23.51 -1.31 -23.32
C GLY A 461 -22.72 -0.02 -23.24
N LYS B 4 7.58 28.02 0.16
CA LYS B 4 6.91 26.88 -0.46
C LYS B 4 6.68 25.73 0.56
N SER B 5 7.00 24.50 0.18
CA SER B 5 6.70 23.34 1.02
C SER B 5 7.82 22.32 0.93
N VAL B 6 7.83 21.40 1.91
CA VAL B 6 8.82 20.33 1.92
C VAL B 6 8.63 19.43 0.70
N THR B 7 7.36 19.14 0.35
CA THR B 7 7.07 18.33 -0.83
C THR B 7 7.67 18.97 -2.08
N GLU B 8 7.47 20.28 -2.23
CA GLU B 8 8.06 20.98 -3.37
C GLU B 8 9.58 20.95 -3.30
N SER B 9 10.15 20.94 -2.09
CA SER B 9 11.60 20.82 -1.96
C SER B 9 12.09 19.47 -2.47
N PHE B 10 11.35 18.39 -2.16
CA PHE B 10 11.74 17.08 -2.68
C PHE B 10 11.65 17.04 -4.20
N ALA B 11 10.57 17.59 -4.75
CA ALA B 11 10.46 17.65 -6.21
C ALA B 11 11.61 18.47 -6.79
N GLY B 12 11.96 19.57 -6.12
CA GLY B 12 13.08 20.40 -6.55
C GLY B 12 14.40 19.64 -6.56
N MET B 13 14.68 18.91 -5.49
CA MET B 13 15.92 18.15 -5.43
C MET B 13 15.98 17.10 -6.52
N ILE B 14 14.86 16.37 -6.72
CA ILE B 14 14.84 15.32 -7.73
C ILE B 14 15.10 15.92 -9.11
N HIS B 15 14.35 16.96 -9.47
CA HIS B 15 14.48 17.58 -10.78
C HIS B 15 15.84 18.25 -10.97
N GLY B 16 16.29 19.01 -9.97
CA GLY B 16 17.48 19.83 -10.11
C GLY B 16 18.80 19.07 -10.19
N LEU B 17 18.92 17.99 -9.42
CA LEU B 17 20.19 17.26 -9.36
C LEU B 17 20.62 16.78 -10.74
N LYS B 18 21.90 16.93 -11.03
CA LYS B 18 22.46 16.52 -12.31
C LYS B 18 23.67 15.65 -12.08
N VAL B 19 24.17 15.05 -13.17
CA VAL B 19 25.38 14.24 -13.09
C VAL B 19 26.51 15.07 -12.48
N ASN B 20 26.52 16.37 -12.75
CA ASN B 20 27.56 17.26 -12.23
C ASN B 20 27.57 17.32 -10.71
N HIS B 21 26.48 16.91 -10.05
CA HIS B 21 26.42 16.90 -8.60
C HIS B 21 26.92 15.62 -7.97
N LEU B 22 27.18 14.58 -8.76
CA LEU B 22 27.64 13.32 -8.22
C LEU B 22 29.08 13.43 -7.74
N THR B 23 29.37 12.78 -6.62
CA THR B 23 30.72 12.77 -6.08
C THR B 23 31.33 11.39 -6.29
N ASP B 24 32.66 11.33 -6.32
CA ASP B 24 33.33 10.05 -6.46
C ASP B 24 33.02 9.11 -5.29
N GLY B 25 32.84 9.65 -4.09
CA GLY B 25 32.48 8.80 -2.95
C GLY B 25 31.15 8.08 -3.14
N ILE B 26 30.10 8.84 -3.49
CA ILE B 26 28.81 8.19 -3.67
C ILE B 26 28.84 7.28 -4.88
N ILE B 27 29.71 7.55 -5.85
CA ILE B 27 29.80 6.66 -7.00
C ILE B 27 30.44 5.34 -6.61
N ARG B 28 31.49 5.37 -5.78
CA ARG B 28 32.04 4.11 -5.25
C ARG B 28 30.96 3.34 -4.49
N ARG B 29 30.27 4.02 -3.57
CA ARG B 29 29.26 3.32 -2.77
C ARG B 29 28.11 2.81 -3.64
N SER B 30 27.72 3.59 -4.66
CA SER B 30 26.65 3.18 -5.56
C SER B 30 27.04 1.95 -6.35
N LYS B 31 28.28 1.91 -6.85
CA LYS B 31 28.75 0.76 -7.61
C LYS B 31 28.80 -0.50 -6.73
N ARG B 32 29.22 -0.34 -5.47
CA ARG B 32 29.21 -1.47 -4.56
C ARG B 32 27.78 -1.96 -4.33
N MET B 33 26.85 -1.02 -4.10
CA MET B 33 25.46 -1.37 -3.86
C MET B 33 24.84 -2.06 -5.06
N ILE B 34 25.12 -1.57 -6.27
CA ILE B 34 24.53 -2.16 -7.47
C ILE B 34 25.07 -3.57 -7.70
N LEU B 35 26.40 -3.76 -7.53
CA LEU B 35 26.96 -5.08 -7.73
C LEU B 35 26.37 -6.08 -6.73
N ASP B 36 26.29 -5.68 -5.46
CA ASP B 36 25.73 -6.56 -4.44
C ASP B 36 24.27 -6.90 -4.73
N SER B 37 23.49 -5.90 -5.13
CA SER B 37 22.07 -6.13 -5.40
C SER B 37 21.89 -7.09 -6.57
N LEU B 38 22.70 -6.94 -7.63
CA LEU B 38 22.58 -7.86 -8.75
C LEU B 38 22.94 -9.28 -8.33
N GLY B 39 24.00 -9.44 -7.54
CA GLY B 39 24.38 -10.77 -7.08
C GLY B 39 23.29 -11.45 -6.28
N VAL B 40 22.77 -10.74 -5.27
CA VAL B 40 21.74 -11.35 -4.43
C VAL B 40 20.46 -11.60 -5.21
N GLY B 41 20.14 -10.75 -6.19
CA GLY B 41 19.00 -11.03 -7.06
C GLY B 41 19.18 -12.30 -7.86
N PHE B 42 20.34 -12.45 -8.50
CA PHE B 42 20.58 -13.67 -9.26
C PHE B 42 20.43 -14.90 -8.37
N LEU B 43 21.00 -14.83 -7.16
CA LEU B 43 20.83 -15.94 -6.22
C LEU B 43 19.35 -16.19 -5.91
N GLY B 44 18.60 -15.12 -5.63
CA GLY B 44 17.19 -15.22 -5.30
C GLY B 44 16.30 -15.73 -6.40
N THR B 45 16.78 -15.71 -7.65
CA THR B 45 15.93 -16.23 -8.73
C THR B 45 15.66 -17.72 -8.59
N GLY B 46 16.35 -18.42 -7.69
CA GLY B 46 16.11 -19.81 -7.40
C GLY B 46 15.15 -20.07 -6.25
N THR B 47 14.52 -19.04 -5.71
CA THR B 47 13.66 -19.20 -4.56
C THR B 47 12.24 -19.55 -4.97
N GLU B 48 11.47 -20.05 -3.99
CA GLU B 48 10.06 -20.33 -4.22
C GLU B 48 9.27 -19.05 -4.43
N VAL B 49 9.66 -17.98 -3.73
CA VAL B 49 8.92 -16.72 -3.79
C VAL B 49 9.02 -16.12 -5.19
N PHE B 50 10.25 -16.10 -5.74
CA PHE B 50 10.45 -15.60 -7.09
C PHE B 50 9.68 -16.42 -8.11
N HIS B 51 9.67 -17.75 -7.93
CA HIS B 51 8.86 -18.59 -8.81
C HIS B 51 7.41 -18.16 -8.79
N LYS B 52 6.85 -17.98 -7.59
CA LYS B 52 5.44 -17.62 -7.49
C LYS B 52 5.17 -16.26 -8.12
N VAL B 53 6.03 -15.27 -7.88
CA VAL B 53 5.75 -13.94 -8.40
C VAL B 53 5.94 -13.90 -9.91
N THR B 54 6.81 -14.76 -10.46
CA THR B 54 6.95 -14.81 -11.90
C THR B 54 5.81 -15.58 -12.56
N GLN B 55 5.31 -16.63 -11.91
CA GLN B 55 4.14 -17.33 -12.43
C GLN B 55 2.91 -16.43 -12.41
N TYR B 56 2.80 -15.56 -11.41
CA TYR B 56 1.74 -14.56 -11.42
C TYR B 56 1.94 -13.54 -12.52
N SER B 57 3.15 -12.94 -12.58
CA SER B 57 3.39 -11.85 -13.52
C SER B 57 3.27 -12.31 -14.98
N LYS B 58 3.60 -13.58 -15.27
CA LYS B 58 3.63 -14.02 -16.66
C LYS B 58 2.28 -13.88 -17.37
N ILE B 59 1.18 -13.74 -16.62
CA ILE B 59 -0.12 -13.63 -17.26
C ILE B 59 -0.34 -12.28 -17.90
N TYR B 60 0.54 -11.31 -17.64
CA TYR B 60 0.42 -9.97 -18.16
C TYR B 60 1.44 -9.75 -19.28
N SER B 61 1.05 -8.98 -20.28
CA SER B 61 1.92 -8.61 -21.38
C SER B 61 1.60 -7.19 -21.82
N SER B 62 2.58 -6.53 -22.42
CA SER B 62 2.41 -5.14 -22.83
C SER B 62 3.17 -4.92 -24.14
N ASN B 63 3.08 -3.70 -24.65
CA ASN B 63 3.82 -3.33 -25.85
C ASN B 63 5.31 -3.20 -25.58
N THR B 64 5.67 -2.87 -24.34
CA THR B 64 7.06 -2.81 -23.90
C THR B 64 7.29 -3.90 -22.88
N SER B 65 8.56 -4.27 -22.69
CA SER B 65 8.88 -5.36 -21.77
C SER B 65 10.32 -5.19 -21.28
N SER B 66 10.65 -5.95 -20.23
CA SER B 66 11.96 -5.83 -19.61
C SER B 66 12.44 -7.21 -19.13
N THR B 67 13.75 -7.32 -18.98
CA THR B 67 14.38 -8.59 -18.61
C THR B 67 14.00 -9.03 -17.20
N VAL B 68 13.71 -10.32 -17.06
CA VAL B 68 13.61 -10.99 -15.77
C VAL B 68 14.96 -11.62 -15.46
N TRP B 69 15.61 -11.14 -14.41
CA TRP B 69 17.02 -11.44 -14.19
C TRP B 69 17.30 -12.93 -14.15
N GLY B 70 18.30 -13.37 -14.91
CA GLY B 70 18.72 -14.76 -14.97
C GLY B 70 17.91 -15.66 -15.87
N ARG B 71 16.81 -15.19 -16.44
CA ARG B 71 15.89 -16.03 -17.20
C ARG B 71 15.62 -15.40 -18.55
N PRO B 72 16.50 -15.65 -19.53
CA PRO B 72 16.35 -14.99 -20.84
C PRO B 72 15.17 -15.51 -21.66
N ASP B 73 14.39 -16.46 -21.15
CA ASP B 73 13.31 -17.05 -21.93
C ASP B 73 12.00 -16.28 -21.89
N PHE B 74 11.83 -15.36 -20.95
CA PHE B 74 10.59 -14.58 -20.94
C PHE B 74 10.85 -13.17 -20.44
N ARG B 75 10.00 -12.26 -20.89
CA ARG B 75 10.02 -10.86 -20.50
C ARG B 75 8.66 -10.51 -19.91
N LEU B 76 8.65 -9.53 -19.02
CA LEU B 76 7.44 -9.02 -18.39
C LEU B 76 7.30 -7.55 -18.73
N PRO B 77 6.10 -6.99 -18.60
CA PRO B 77 5.96 -5.53 -18.64
C PRO B 77 6.90 -4.90 -17.64
N PRO B 78 7.39 -3.68 -17.92
CA PRO B 78 8.44 -3.08 -17.07
C PRO B 78 8.07 -3.05 -15.61
N THR B 79 6.78 -2.84 -15.34
CA THR B 79 6.26 -2.82 -13.99
C THR B 79 6.49 -4.17 -13.30
N TYR B 80 6.12 -5.24 -13.98
CA TYR B 80 6.18 -6.57 -13.38
C TYR B 80 7.61 -7.12 -13.40
N ALA B 81 8.41 -6.68 -14.36
CA ALA B 81 9.82 -7.03 -14.35
C ALA B 81 10.52 -6.45 -13.12
N ALA B 82 10.27 -5.15 -12.85
CA ALA B 82 10.83 -4.55 -11.65
C ALA B 82 10.29 -5.24 -10.40
N PHE B 83 9.00 -5.60 -10.41
CA PHE B 83 8.39 -6.31 -9.29
C PHE B 83 9.14 -7.60 -8.98
N VAL B 84 9.29 -8.47 -9.99
CA VAL B 84 9.89 -9.78 -9.74
C VAL B 84 11.37 -9.65 -9.43
N ASN B 85 12.06 -8.67 -9.98
CA ASN B 85 13.49 -8.53 -9.70
C ASN B 85 13.73 -8.01 -8.27
N GLY B 86 12.89 -7.09 -7.81
CA GLY B 86 12.97 -6.69 -6.41
C GLY B 86 12.64 -7.83 -5.47
N VAL B 87 11.65 -8.65 -5.85
CA VAL B 87 11.37 -9.86 -5.07
C VAL B 87 12.62 -10.73 -5.00
N ALA B 88 13.31 -10.91 -6.14
CA ALA B 88 14.50 -11.75 -6.17
C ALA B 88 15.59 -11.23 -5.23
N VAL B 89 15.85 -9.91 -5.26
CA VAL B 89 16.90 -9.38 -4.40
C VAL B 89 16.53 -9.51 -2.93
N HIS B 90 15.25 -9.37 -2.60
CA HIS B 90 14.84 -9.43 -1.20
C HIS B 90 14.27 -10.81 -0.83
N SER B 91 14.36 -11.79 -1.73
CA SER B 91 13.77 -13.12 -1.52
C SER B 91 14.44 -13.87 -0.39
N MET B 92 15.70 -13.55 -0.08
CA MET B 92 16.47 -14.26 0.94
C MET B 92 16.96 -13.32 2.02
N ASP B 93 16.36 -12.13 2.11
CA ASP B 93 16.72 -11.10 3.09
C ASP B 93 18.23 -10.89 3.08
N PHE B 94 18.79 -10.79 1.88
CA PHE B 94 20.22 -10.93 1.67
C PHE B 94 20.81 -9.66 1.05
N ASP B 95 19.98 -8.69 0.68
CA ASP B 95 20.42 -7.43 0.10
C ASP B 95 20.91 -6.46 1.20
N ASP B 96 21.28 -5.26 0.80
CA ASP B 96 21.95 -4.35 1.72
C ASP B 96 21.00 -3.71 2.73
N THR B 97 21.60 -3.09 3.75
CA THR B 97 20.91 -2.43 4.85
C THR B 97 21.55 -1.07 5.08
N TRP B 98 20.72 -0.08 5.39
CA TRP B 98 21.18 1.31 5.54
C TRP B 98 20.70 1.86 6.87
N HIS B 99 21.10 3.10 7.16
CA HIS B 99 20.71 3.78 8.38
C HIS B 99 20.27 5.19 8.05
N PRO B 100 19.05 5.62 8.47
CA PRO B 100 18.00 4.91 9.20
C PRO B 100 17.51 3.62 8.52
N ALA B 101 16.85 2.76 9.29
CA ALA B 101 16.57 1.39 8.88
C ALA B 101 15.77 1.32 7.57
N THR B 102 16.35 0.67 6.56
CA THR B 102 15.67 0.34 5.30
C THR B 102 16.60 -0.58 4.51
N HIS B 103 16.15 -0.97 3.32
CA HIS B 103 16.91 -1.81 2.38
C HIS B 103 16.87 -1.08 1.04
N PRO B 104 17.70 -0.04 0.89
CA PRO B 104 17.41 0.99 -0.13
C PRO B 104 17.72 0.61 -1.58
N SER B 105 18.59 -0.37 -1.83
CA SER B 105 18.99 -0.63 -3.21
C SER B 105 17.96 -1.46 -3.96
N GLY B 106 17.33 -2.43 -3.28
CA GLY B 106 16.38 -3.30 -3.95
C GLY B 106 15.20 -2.57 -4.56
N ALA B 107 14.82 -1.43 -3.98
CA ALA B 107 13.63 -0.71 -4.46
C ALA B 107 13.91 0.22 -5.64
N VAL B 108 15.17 0.42 -6.02
CA VAL B 108 15.54 1.39 -7.03
C VAL B 108 16.14 0.73 -8.27
N LEU B 109 17.16 -0.10 -8.08
CA LEU B 109 17.87 -0.68 -9.22
C LEU B 109 16.97 -1.42 -10.19
N PRO B 110 16.07 -2.32 -9.77
CA PRO B 110 15.21 -2.99 -10.76
C PRO B 110 14.37 -2.02 -11.55
N VAL B 111 13.99 -0.89 -10.94
CA VAL B 111 13.14 0.09 -11.62
C VAL B 111 13.93 0.75 -12.75
N LEU B 112 15.14 1.19 -12.45
CA LEU B 112 15.96 1.85 -13.45
C LEU B 112 16.36 0.89 -14.56
N THR B 113 16.61 -0.38 -14.21
CA THR B 113 16.92 -1.38 -15.23
C THR B 113 15.74 -1.55 -16.18
N ALA B 114 14.55 -1.78 -15.61
CA ALA B 114 13.36 -1.96 -16.43
C ALA B 114 13.08 -0.74 -17.28
N LEU B 115 13.34 0.46 -16.74
CA LEU B 115 13.13 1.67 -17.53
C LEU B 115 14.15 1.81 -18.64
N SER B 116 15.41 1.46 -18.37
CA SER B 116 16.46 1.55 -19.40
C SER B 116 16.14 0.63 -20.57
N GLU B 117 15.53 -0.51 -20.30
CA GLU B 117 15.13 -1.36 -21.41
C GLU B 117 13.83 -0.90 -22.05
N ALA B 118 12.83 -0.60 -21.22
CA ALA B 118 11.47 -0.36 -21.69
C ALA B 118 11.31 0.98 -22.39
N LEU B 119 11.89 2.05 -21.82
CA LEU B 119 11.65 3.40 -22.32
C LEU B 119 12.99 4.05 -22.67
N PRO B 120 13.66 3.57 -23.72
CA PRO B 120 14.93 4.18 -24.12
C PRO B 120 14.73 5.60 -24.58
N GLN B 121 15.64 6.47 -24.17
CA GLN B 121 15.55 7.84 -24.65
C GLN B 121 16.13 7.92 -26.06
N THR B 122 15.76 9.00 -26.77
CA THR B 122 16.39 9.25 -28.07
C THR B 122 17.90 9.38 -27.93
N PRO B 123 18.45 10.11 -26.95
CA PRO B 123 19.87 9.91 -26.63
C PRO B 123 20.03 8.68 -25.76
N LYS B 124 21.00 7.83 -26.10
CA LYS B 124 21.24 6.61 -25.35
C LYS B 124 21.42 6.91 -23.87
N PHE B 125 20.94 6.00 -23.03
CA PHE B 125 21.12 6.13 -21.59
C PHE B 125 22.56 5.79 -21.23
N SER B 126 23.15 6.60 -20.36
CA SER B 126 24.53 6.40 -19.95
C SER B 126 24.61 5.87 -18.53
N GLY B 127 25.74 5.23 -18.22
CA GLY B 127 25.98 4.76 -16.88
C GLY B 127 25.88 5.87 -15.84
N LEU B 128 26.25 7.10 -16.22
CA LEU B 128 26.11 8.22 -15.29
C LEU B 128 24.65 8.57 -15.08
N ASP B 129 23.79 8.34 -16.07
CA ASP B 129 22.38 8.61 -15.88
C ASP B 129 21.77 7.59 -14.93
N LEU B 130 22.19 6.33 -15.06
CA LEU B 130 21.75 5.29 -14.14
C LEU B 130 22.23 5.60 -12.73
N LEU B 131 23.50 6.00 -12.58
CA LEU B 131 24.02 6.34 -11.27
C LEU B 131 23.30 7.55 -10.66
N LEU B 132 23.00 8.54 -11.49
CA LEU B 132 22.31 9.73 -11.00
C LEU B 132 20.92 9.38 -10.49
N ALA B 133 20.13 8.68 -11.30
CA ALA B 133 18.79 8.30 -10.86
C ALA B 133 18.85 7.40 -9.63
N PHE B 134 19.83 6.48 -9.60
CA PHE B 134 19.99 5.58 -8.46
C PHE B 134 20.24 6.37 -7.18
N ASN B 135 21.21 7.30 -7.24
CA ASN B 135 21.53 8.11 -6.07
C ASN B 135 20.39 9.05 -5.69
N VAL B 136 19.60 9.51 -6.67
CA VAL B 136 18.44 10.33 -6.31
C VAL B 136 17.44 9.52 -5.52
N GLY B 137 17.15 8.28 -5.95
CA GLY B 137 16.26 7.44 -5.17
C GLY B 137 16.80 7.14 -3.79
N ILE B 138 18.10 6.80 -3.71
CA ILE B 138 18.74 6.49 -2.44
C ILE B 138 18.71 7.70 -1.52
N GLU B 139 18.91 8.90 -2.09
CA GLU B 139 18.89 10.13 -1.31
C GLU B 139 17.48 10.44 -0.81
N VAL B 140 16.48 10.31 -1.69
CA VAL B 140 15.11 10.63 -1.31
C VAL B 140 14.66 9.74 -0.16
N GLN B 141 14.85 8.44 -0.30
CA GLN B 141 14.69 7.63 0.89
C GLN B 141 15.87 7.93 1.81
N GLY B 142 15.66 7.80 3.11
CA GLY B 142 16.76 8.17 3.99
C GLY B 142 16.74 9.65 4.30
N ARG B 143 16.78 10.51 3.28
CA ARG B 143 16.56 11.92 3.55
C ARG B 143 15.18 12.11 4.15
N LEU B 144 14.23 11.32 3.66
CA LEU B 144 12.85 11.31 4.17
C LEU B 144 12.77 10.65 5.55
N MET B 145 13.54 9.58 5.78
CA MET B 145 13.49 8.88 7.05
C MET B 145 14.01 9.74 8.20
N HIS B 146 14.87 10.72 7.92
CA HIS B 146 15.32 11.57 9.03
C HIS B 146 14.23 12.50 9.55
N PHE B 147 13.00 12.37 9.06
CA PHE B 147 11.87 13.15 9.55
C PHE B 147 11.15 12.49 10.71
N SER B 148 11.63 11.34 11.16
CA SER B 148 11.04 10.65 12.32
C SER B 148 12.13 9.88 13.03
N LYS B 149 12.26 10.11 14.34
CA LYS B 149 13.35 9.49 15.08
C LYS B 149 13.24 7.97 15.10
N GLU B 150 12.01 7.45 15.21
CA GLU B 150 11.84 6.00 15.31
C GLU B 150 12.34 5.27 14.08
N ALA B 151 12.52 5.98 12.96
CA ALA B 151 13.08 5.36 11.76
C ALA B 151 14.49 4.86 11.98
N LYS B 152 15.20 5.38 12.99
CA LYS B 152 16.54 4.93 13.28
C LYS B 152 16.58 3.64 14.08
N ASP B 153 15.46 3.25 14.68
CA ASP B 153 15.37 1.96 15.37
C ASP B 153 14.87 0.88 14.43
N ILE B 154 15.04 -0.36 14.87
CA ILE B 154 14.49 -1.51 14.13
C ILE B 154 12.98 -1.44 14.17
N PRO B 155 12.30 -1.50 13.01
CA PRO B 155 10.88 -1.12 12.97
C PRO B 155 9.99 -2.04 13.79
N LYS B 156 8.93 -1.45 14.37
CA LYS B 156 7.94 -2.18 15.13
C LYS B 156 6.53 -2.02 14.60
N ARG B 157 6.32 -1.18 13.58
CA ARG B 157 4.99 -0.90 13.04
C ARG B 157 4.95 -1.18 11.55
N PHE B 158 5.50 -0.27 10.74
CA PHE B 158 5.57 -0.44 9.30
C PHE B 158 6.97 -0.88 8.87
N HIS B 159 7.04 -1.50 7.70
CA HIS B 159 8.30 -1.99 7.15
C HIS B 159 8.84 -0.93 6.20
N PRO B 160 9.90 -0.21 6.58
CA PRO B 160 10.33 0.98 5.82
C PRO B 160 10.47 0.76 4.33
N PRO B 161 11.05 -0.37 3.87
CA PRO B 161 11.25 -0.51 2.42
C PRO B 161 9.99 -0.39 1.60
N SER B 162 8.81 -0.60 2.19
CA SER B 162 7.55 -0.37 1.49
C SER B 162 7.11 1.09 1.56
N VAL B 163 7.71 1.88 2.45
CA VAL B 163 7.28 3.24 2.70
C VAL B 163 8.23 4.21 2.01
N VAL B 164 9.47 4.26 2.47
CA VAL B 164 10.44 5.13 1.81
C VAL B 164 10.99 4.49 0.55
N GLY B 165 11.02 3.16 0.49
CA GLY B 165 11.47 2.50 -0.74
C GLY B 165 10.58 2.80 -1.93
N THR B 166 9.27 2.92 -1.69
CA THR B 166 8.36 3.25 -2.78
C THR B 166 8.62 4.66 -3.31
N LEU B 167 8.80 5.63 -2.41
CA LEU B 167 9.09 6.99 -2.85
C LEU B 167 10.47 7.09 -3.48
N GLY B 168 11.44 6.31 -2.99
CA GLY B 168 12.73 6.25 -3.66
C GLY B 168 12.60 5.74 -5.08
N SER B 169 11.77 4.70 -5.26
CA SER B 169 11.49 4.21 -6.61
C SER B 169 10.87 5.30 -7.49
N ALA B 170 9.87 6.01 -6.95
CA ALA B 170 9.22 7.06 -7.73
C ALA B 170 10.21 8.16 -8.09
N ALA B 171 11.08 8.54 -7.14
CA ALA B 171 12.07 9.58 -7.39
C ALA B 171 13.06 9.14 -8.46
N ALA B 172 13.55 7.91 -8.36
CA ALA B 172 14.52 7.41 -9.32
C ALA B 172 13.90 7.33 -10.71
N ALA B 173 12.67 6.84 -10.81
CA ALA B 173 12.00 6.75 -12.11
C ALA B 173 11.74 8.13 -12.69
N SER B 174 11.28 9.08 -11.86
CA SER B 174 11.03 10.44 -12.34
C SER B 174 12.32 11.08 -12.83
N LYS B 175 13.43 10.83 -12.13
CA LYS B 175 14.71 11.38 -12.52
C LYS B 175 15.21 10.75 -13.81
N PHE B 176 15.16 9.42 -13.87
CA PHE B 176 15.70 8.68 -15.01
C PHE B 176 14.95 9.01 -16.28
N LEU B 177 13.62 9.04 -16.22
CA LEU B 177 12.85 9.37 -17.40
C LEU B 177 12.95 10.86 -17.74
N GLY B 178 13.12 11.72 -16.73
CA GLY B 178 13.30 13.13 -16.98
C GLY B 178 12.03 13.95 -16.77
N LEU B 179 11.26 13.62 -15.74
CA LEU B 179 10.00 14.32 -15.50
C LEU B 179 10.26 15.75 -15.03
N SER B 180 9.28 16.61 -15.31
CA SER B 180 9.35 18.00 -14.86
C SER B 180 9.23 18.08 -13.34
N LEU B 181 9.45 19.29 -12.83
CA LEU B 181 9.39 19.55 -11.39
C LEU B 181 8.05 19.10 -10.81
N THR B 182 6.96 19.61 -11.38
CA THR B 182 5.64 19.33 -10.82
C THR B 182 5.24 17.87 -11.04
N LYS B 183 5.67 17.25 -12.15
CA LYS B 183 5.37 15.84 -12.32
C LYS B 183 6.22 14.96 -11.41
N CYS B 184 7.42 15.39 -11.03
CA CYS B 184 8.16 14.67 -9.98
C CYS B 184 7.39 14.74 -8.67
N ARG B 185 6.90 15.93 -8.32
CA ARG B 185 6.09 16.08 -7.12
C ARG B 185 4.88 15.16 -7.17
N GLU B 186 4.19 15.13 -8.31
CA GLU B 186 2.98 14.33 -8.43
C GLU B 186 3.30 12.84 -8.37
N ALA B 187 4.43 12.42 -8.93
CA ALA B 187 4.83 11.02 -8.80
C ALA B 187 5.02 10.65 -7.34
N LEU B 188 5.63 11.55 -6.56
CA LEU B 188 5.80 11.27 -5.14
C LEU B 188 4.45 11.19 -4.42
N ALA B 189 3.57 12.15 -4.70
CA ALA B 189 2.27 12.16 -4.04
C ALA B 189 1.45 10.93 -4.38
N ILE B 190 1.54 10.45 -5.63
CA ILE B 190 0.81 9.25 -6.02
C ILE B 190 1.43 8.02 -5.36
N ALA B 191 2.76 7.94 -5.34
CA ALA B 191 3.45 6.82 -4.71
C ALA B 191 3.10 6.70 -3.23
N VAL B 192 2.83 7.81 -2.55
CA VAL B 192 2.50 7.75 -1.13
C VAL B 192 1.26 6.88 -0.89
N SER B 193 0.28 6.93 -1.79
CA SER B 193 -0.93 6.12 -1.65
C SER B 193 -0.72 4.65 -2.01
N HIS B 194 0.50 4.26 -2.37
CA HIS B 194 0.84 2.86 -2.65
C HIS B 194 1.86 2.32 -1.65
N ALA B 195 2.06 3.01 -0.54
CA ALA B 195 3.27 2.84 0.27
C ALA B 195 3.08 2.12 1.59
N GLY B 196 1.90 1.59 1.90
CA GLY B 196 1.66 1.03 3.23
C GLY B 196 1.81 -0.48 3.30
N ALA B 197 2.65 -0.95 4.26
CA ALA B 197 2.82 -2.38 4.56
C ALA B 197 3.41 -2.61 5.96
N PRO B 198 2.83 -3.54 6.72
CA PRO B 198 3.29 -3.76 8.10
C PRO B 198 4.49 -4.69 8.21
N ILE B 199 5.20 -4.55 9.34
CA ILE B 199 6.38 -5.37 9.65
C ILE B 199 6.03 -6.84 9.95
N ALA B 200 4.78 -7.16 10.30
CA ALA B 200 4.45 -8.50 10.78
C ALA B 200 4.79 -9.59 9.75
N ASN B 201 4.66 -9.29 8.46
CA ASN B 201 4.96 -10.26 7.40
C ASN B 201 6.44 -10.46 7.16
N ALA B 202 7.33 -9.87 7.99
CA ALA B 202 8.75 -9.98 7.74
C ALA B 202 9.25 -11.42 7.78
N ALA B 203 8.69 -12.24 8.66
CA ALA B 203 9.17 -13.60 8.83
C ALA B 203 8.51 -14.59 7.89
N THR B 204 7.81 -14.10 6.87
CA THR B 204 6.99 -14.99 6.05
C THR B 204 7.45 -14.93 4.61
N GLN B 205 6.72 -15.65 3.77
CA GLN B 205 7.02 -15.74 2.36
C GLN B 205 6.70 -14.43 1.63
N THR B 206 5.89 -13.56 2.26
CA THR B 206 5.44 -12.32 1.64
C THR B 206 6.51 -11.22 1.66
N LYS B 207 7.32 -11.14 2.72
CA LYS B 207 8.31 -10.07 2.89
C LYS B 207 9.01 -9.61 1.61
N PRO B 208 9.56 -10.49 0.76
CA PRO B 208 10.27 -9.98 -0.43
C PRO B 208 9.40 -9.09 -1.30
N LEU B 209 8.08 -9.30 -1.31
CA LEU B 209 7.23 -8.52 -2.19
C LEU B 209 7.19 -7.06 -1.77
N HIS B 210 7.57 -6.78 -0.51
CA HIS B 210 7.66 -5.41 -0.05
C HIS B 210 8.66 -4.62 -0.87
N ILE B 211 9.77 -5.25 -1.26
CA ILE B 211 10.65 -4.61 -2.22
C ILE B 211 10.02 -4.60 -3.60
N GLY B 212 9.45 -5.72 -4.03
CA GLY B 212 8.86 -5.82 -5.34
C GLY B 212 7.88 -4.69 -5.59
N ASN B 213 6.85 -4.62 -4.74
CA ASN B 213 5.86 -3.56 -4.88
C ASN B 213 6.52 -2.19 -4.74
N ALA B 214 7.49 -2.05 -3.83
CA ALA B 214 8.18 -0.78 -3.70
C ALA B 214 8.84 -0.39 -5.01
N ALA B 215 9.47 -1.34 -5.70
CA ALA B 215 9.97 -1.07 -7.03
C ALA B 215 8.82 -0.84 -7.99
N LYS B 216 7.80 -1.68 -7.92
CA LYS B 216 6.66 -1.61 -8.84
C LYS B 216 5.89 -0.31 -8.67
N HIS B 217 5.35 -0.07 -7.46
CA HIS B 217 4.39 1.01 -7.29
C HIS B 217 4.98 2.36 -7.61
N GLY B 218 6.23 2.61 -7.19
CA GLY B 218 6.87 3.87 -7.54
C GLY B 218 6.84 4.10 -9.02
N MET B 219 7.27 3.10 -9.79
CA MET B 219 7.21 3.21 -11.25
C MET B 219 5.78 3.50 -11.70
N GLU B 220 4.81 2.76 -11.16
CA GLU B 220 3.42 3.01 -11.54
C GLU B 220 3.04 4.45 -11.25
N ALA B 221 3.42 4.96 -10.07
CA ALA B 221 3.08 6.33 -9.75
C ALA B 221 3.68 7.26 -10.80
N THR B 222 4.94 7.03 -11.17
CA THR B 222 5.58 7.86 -12.16
C THR B 222 4.77 7.83 -13.45
N PHE B 223 4.33 6.66 -13.87
CA PHE B 223 3.55 6.57 -15.10
C PHE B 223 2.28 7.40 -14.98
N LEU B 224 1.58 7.27 -13.85
CA LEU B 224 0.36 8.06 -13.67
C LEU B 224 0.69 9.54 -13.59
N ALA B 225 1.85 9.89 -13.02
CA ALA B 225 2.27 11.28 -13.01
C ALA B 225 2.50 11.79 -14.42
N MET B 226 3.06 10.95 -15.30
CA MET B 226 3.30 11.39 -16.66
C MET B 226 1.99 11.67 -17.39
N LEU B 227 0.93 10.93 -17.07
CA LEU B 227 -0.38 11.16 -17.66
C LEU B 227 -1.10 12.34 -17.03
N GLY B 228 -0.54 12.96 -16.00
CA GLY B 228 -1.12 14.13 -15.39
C GLY B 228 -2.00 13.89 -14.18
N LEU B 229 -1.98 12.70 -13.60
CA LEU B 229 -2.74 12.43 -12.37
C LEU B 229 -2.14 13.24 -11.22
N GLN B 230 -2.99 13.93 -10.47
CA GLN B 230 -2.56 14.82 -9.40
C GLN B 230 -2.77 14.21 -8.02
N GLY B 231 -1.85 14.58 -7.11
CA GLY B 231 -1.96 14.24 -5.71
C GLY B 231 -1.92 15.48 -4.83
N ASN B 232 -1.73 15.29 -3.53
CA ASN B 232 -1.73 16.41 -2.60
C ASN B 232 -0.42 17.18 -2.72
N LYS B 233 -0.53 18.49 -2.92
CA LYS B 233 0.65 19.35 -3.10
C LYS B 233 1.57 19.38 -1.88
N GLN B 234 1.10 18.94 -0.72
CA GLN B 234 1.88 18.97 0.51
C GLN B 234 2.00 17.57 1.13
N ILE B 235 2.00 16.53 0.29
CA ILE B 235 1.93 15.15 0.78
C ILE B 235 3.07 14.80 1.72
N LEU B 236 4.25 15.41 1.55
CA LEU B 236 5.37 15.01 2.38
C LEU B 236 5.57 15.83 3.65
N ASP B 237 4.82 16.92 3.84
CA ASP B 237 4.93 17.66 5.10
C ASP B 237 3.60 17.70 5.89
N LEU B 238 2.66 16.82 5.57
CA LEU B 238 1.42 16.67 6.32
C LEU B 238 1.47 15.41 7.17
N GLY B 239 1.07 15.53 8.44
CA GLY B 239 0.91 14.33 9.26
C GLY B 239 -0.21 13.42 8.77
N SER B 240 -1.18 13.97 8.05
CA SER B 240 -2.25 13.19 7.46
C SER B 240 -1.87 12.64 6.09
N GLY B 241 -0.69 12.99 5.59
CA GLY B 241 -0.21 12.49 4.31
C GLY B 241 0.83 11.41 4.52
N PHE B 242 2.04 11.62 4.00
CA PHE B 242 3.11 10.65 4.23
C PHE B 242 3.34 10.44 5.72
N GLY B 243 3.19 11.49 6.53
CA GLY B 243 3.40 11.37 7.97
C GLY B 243 2.50 10.35 8.64
N ALA B 244 1.48 9.85 7.93
CA ALA B 244 0.66 8.77 8.48
C ALA B 244 1.48 7.52 8.79
N PHE B 245 2.66 7.36 8.21
CA PHE B 245 3.42 6.16 8.44
C PHE B 245 4.40 6.25 9.60
N TYR B 246 4.52 7.42 10.23
CA TYR B 246 5.52 7.64 11.27
C TYR B 246 4.91 8.33 12.48
N ALA B 247 5.36 7.90 13.66
CA ALA B 247 5.07 8.62 14.89
C ALA B 247 5.97 9.84 15.02
N ASN B 248 5.38 10.94 15.50
CA ASN B 248 6.11 12.19 15.74
C ASN B 248 6.82 12.66 14.47
N TYR B 249 6.09 12.63 13.36
CA TYR B 249 6.63 13.04 12.07
C TYR B 249 6.97 14.52 12.10
N SER B 250 8.19 14.87 11.68
CA SER B 250 8.70 16.24 11.77
C SER B 250 9.48 16.57 10.50
N PRO B 251 8.79 16.98 9.45
CA PRO B 251 9.46 17.23 8.16
C PRO B 251 10.22 18.55 8.12
N GLU B 252 11.26 18.59 7.28
CA GLU B 252 12.08 19.77 7.09
C GLU B 252 12.33 20.02 5.61
N ASP B 253 12.53 21.29 5.27
CA ASP B 253 12.93 21.67 3.91
C ASP B 253 14.30 21.08 3.56
N LEU B 254 14.51 20.80 2.28
CA LEU B 254 15.81 20.30 1.84
C LEU B 254 16.80 21.43 1.60
N PRO B 255 18.09 21.18 1.82
CA PRO B 255 19.11 22.21 1.59
C PRO B 255 19.29 22.53 0.12
N SER B 256 19.78 23.74 -0.14
CA SER B 256 20.13 24.16 -1.50
C SER B 256 21.16 23.22 -2.09
N LEU B 257 21.08 23.04 -3.42
CA LEU B 257 22.05 22.19 -4.11
C LEU B 257 23.47 22.72 -3.97
N ASP B 258 23.63 24.02 -3.72
CA ASP B 258 24.94 24.61 -3.46
C ASP B 258 25.49 24.25 -2.10
N SER B 259 24.64 23.79 -1.18
CA SER B 259 25.03 23.43 0.17
C SER B 259 24.70 21.99 0.47
N HIS B 260 24.22 21.26 -0.53
CA HIS B 260 23.78 19.87 -0.39
C HIS B 260 24.98 18.95 -0.21
N ILE B 261 24.83 17.98 0.70
CA ILE B 261 25.78 16.89 0.85
C ILE B 261 25.00 15.59 0.76
N TRP B 262 25.47 14.67 -0.08
CA TRP B 262 24.81 13.38 -0.25
C TRP B 262 24.87 12.59 1.05
N LEU B 263 23.81 11.84 1.33
CA LEU B 263 23.77 11.04 2.55
C LEU B 263 24.80 9.91 2.52
N LEU B 264 25.00 9.27 1.35
CA LEU B 264 25.97 8.17 1.28
C LEU B 264 27.39 8.64 1.60
N ASP B 265 27.75 9.87 1.25
CA ASP B 265 29.09 10.36 1.57
C ASP B 265 29.32 10.43 3.08
N GLN B 266 28.26 10.46 3.88
CA GLN B 266 28.38 10.49 5.33
C GLN B 266 27.98 9.18 5.99
N GLN B 267 27.01 8.45 5.42
CA GLN B 267 26.50 7.21 6.00
C GLN B 267 26.59 6.10 4.96
N ASP B 268 27.49 5.14 5.19
CA ASP B 268 27.64 3.99 4.32
C ASP B 268 26.59 2.93 4.63
N VAL B 269 26.53 1.90 3.77
CA VAL B 269 25.61 0.78 3.93
C VAL B 269 26.37 -0.42 4.48
N ALA B 270 25.63 -1.31 5.13
CA ALA B 270 26.17 -2.60 5.55
C ALA B 270 25.83 -3.66 4.51
N PHE B 271 26.80 -4.53 4.23
CA PHE B 271 26.58 -5.65 3.33
C PHE B 271 26.54 -6.95 4.13
N LYS B 272 25.58 -7.81 3.80
CA LYS B 272 25.41 -9.05 4.53
C LYS B 272 26.34 -10.12 3.98
N SER B 273 26.77 -11.01 4.89
CA SER B 273 27.60 -12.14 4.51
C SER B 273 26.81 -13.42 4.34
N PHE B 274 25.70 -13.57 5.06
CA PHE B 274 24.79 -14.71 4.95
C PHE B 274 23.36 -14.19 4.97
N PRO B 275 22.43 -14.90 4.30
CA PRO B 275 21.06 -14.38 4.12
C PRO B 275 20.19 -14.44 5.38
N ALA B 276 20.32 -13.44 6.24
CA ALA B 276 19.50 -13.36 7.44
C ALA B 276 19.34 -11.90 7.84
N HIS B 277 18.47 -11.68 8.84
CA HIS B 277 18.26 -10.35 9.39
C HIS B 277 19.59 -9.80 9.91
N LEU B 278 19.82 -8.51 9.71
CA LEU B 278 21.12 -7.91 10.03
C LEU B 278 21.49 -8.09 11.49
N ALA B 279 20.50 -8.09 12.39
CA ALA B 279 20.82 -8.24 13.81
C ALA B 279 21.52 -9.56 14.08
N THR B 280 21.15 -10.61 13.35
CA THR B 280 21.75 -11.91 13.58
C THR B 280 23.20 -11.95 13.15
N HIS B 281 23.61 -10.99 12.30
CA HIS B 281 25.03 -10.91 11.96
C HIS B 281 25.87 -10.56 13.17
N TRP B 282 25.30 -9.86 14.16
CA TRP B 282 26.05 -9.73 15.40
C TRP B 282 26.09 -11.07 16.12
N VAL B 283 24.93 -11.75 16.19
CA VAL B 283 24.83 -13.00 16.94
C VAL B 283 25.84 -13.99 16.42
N ALA B 284 25.81 -14.26 15.12
CA ALA B 284 26.74 -15.22 14.55
C ALA B 284 28.17 -14.84 14.91
N ASP B 285 28.51 -13.55 14.79
CA ASP B 285 29.88 -13.15 15.07
C ASP B 285 30.25 -13.52 16.50
N ALA B 286 29.41 -13.13 17.46
CA ALA B 286 29.70 -13.48 18.84
C ALA B 286 29.79 -14.99 18.99
N ALA B 287 28.83 -15.72 18.40
CA ALA B 287 28.88 -17.17 18.52
C ALA B 287 30.19 -17.71 17.94
N ALA B 288 30.58 -17.20 16.77
CA ALA B 288 31.79 -17.68 16.13
C ALA B 288 32.99 -17.50 17.05
N ALA B 289 33.00 -16.44 17.87
CA ALA B 289 34.11 -16.24 18.80
C ALA B 289 34.05 -17.26 19.92
N VAL B 290 32.88 -17.42 20.54
CA VAL B 290 32.82 -18.24 21.74
C VAL B 290 33.10 -19.71 21.41
N ARG B 291 32.70 -20.14 20.20
CA ARG B 291 32.99 -21.51 19.77
C ARG B 291 34.49 -21.80 19.77
N LYS B 292 35.32 -20.77 19.66
CA LYS B 292 36.76 -20.98 19.66
C LYS B 292 37.26 -21.57 20.97
N HIS B 293 36.51 -21.39 22.06
CA HIS B 293 36.93 -21.94 23.35
C HIS B 293 36.39 -23.34 23.59
N LEU B 294 35.51 -23.82 22.74
CA LEU B 294 34.85 -25.10 22.88
C LEU B 294 35.31 -26.13 21.87
N VAL B 295 35.66 -25.72 20.65
CA VAL B 295 36.04 -26.61 19.56
C VAL B 295 37.49 -26.31 19.21
N THR B 296 38.29 -27.36 19.07
CA THR B 296 39.71 -27.19 18.80
C THR B 296 40.10 -27.82 17.46
N LEU B 301 34.36 -30.83 16.19
CA LEU B 301 32.92 -30.97 16.36
C LEU B 301 32.46 -30.36 17.68
N PHE B 302 31.31 -29.70 17.64
CA PHE B 302 30.82 -29.02 18.83
C PHE B 302 30.30 -30.04 19.85
N PRO B 303 30.62 -29.86 21.14
CA PRO B 303 30.09 -30.78 22.18
C PRO B 303 28.65 -30.46 22.54
N ALA B 304 27.72 -30.78 21.62
CA ALA B 304 26.33 -30.41 21.81
C ALA B 304 25.64 -31.24 22.89
N ASP B 305 26.08 -32.49 23.13
CA ASP B 305 25.34 -33.39 24.00
C ASP B 305 25.31 -32.93 25.45
N HIS B 306 26.26 -32.08 25.86
CA HIS B 306 26.53 -31.63 27.22
C HIS B 306 26.95 -30.15 27.20
N ILE B 307 25.92 -29.33 26.93
CA ILE B 307 25.91 -27.87 27.09
C ILE B 307 24.81 -27.57 28.09
N GLU B 308 25.12 -26.83 29.16
CA GLU B 308 24.08 -26.47 30.12
C GLU B 308 23.11 -25.45 29.54
N ARG B 309 23.61 -24.32 29.04
CA ARG B 309 22.72 -23.31 28.46
C ARG B 309 23.50 -22.36 27.58
N ILE B 310 22.76 -21.68 26.71
CA ILE B 310 23.28 -20.65 25.80
C ILE B 310 22.47 -19.38 26.02
N VAL B 311 23.15 -18.28 26.32
CA VAL B 311 22.50 -17.01 26.64
C VAL B 311 22.93 -15.97 25.61
N LEU B 312 21.96 -15.36 24.95
CA LEU B 312 22.20 -14.31 23.96
C LEU B 312 21.76 -12.98 24.55
N ARG B 313 22.73 -12.10 24.82
CA ARG B 313 22.44 -10.73 25.24
C ARG B 313 22.25 -9.90 23.98
N ILE B 314 21.01 -9.48 23.75
CA ILE B 314 20.58 -9.03 22.43
C ILE B 314 19.34 -8.17 22.64
N PRO B 315 19.13 -7.10 21.86
CA PRO B 315 18.01 -6.21 22.17
C PRO B 315 16.67 -6.87 21.86
N ASP B 316 15.62 -6.29 22.45
CA ASP B 316 14.27 -6.85 22.40
C ASP B 316 13.63 -6.50 21.06
N VAL B 317 13.97 -7.28 20.04
CA VAL B 317 13.37 -7.18 18.72
C VAL B 317 12.49 -8.43 18.56
N GLN B 318 11.18 -8.26 18.75
CA GLN B 318 10.31 -9.42 18.86
C GLN B 318 10.22 -10.21 17.56
N TYR B 319 10.20 -9.54 16.41
CA TYR B 319 9.94 -10.25 15.16
C TYR B 319 11.15 -11.06 14.68
N VAL B 320 12.28 -10.97 15.37
CA VAL B 320 13.42 -11.87 15.18
C VAL B 320 13.70 -12.71 16.41
N ASN B 321 12.77 -12.74 17.37
CA ASN B 321 12.85 -13.59 18.55
C ASN B 321 12.04 -14.85 18.24
N ARG B 322 12.73 -15.90 17.77
CA ARG B 322 12.08 -17.12 17.32
C ARG B 322 12.84 -18.33 17.83
N PRO B 323 12.47 -18.85 19.00
CA PRO B 323 13.23 -19.96 19.58
C PRO B 323 13.13 -21.26 18.79
N PHE B 324 12.08 -21.46 17.98
CA PHE B 324 11.94 -22.70 17.22
C PHE B 324 11.39 -22.42 15.83
N PRO B 325 12.23 -21.91 14.94
CA PRO B 325 11.78 -21.67 13.56
C PRO B 325 11.61 -22.97 12.79
N ASP B 326 10.63 -22.98 11.89
CA ASP B 326 10.39 -24.13 11.02
C ASP B 326 10.89 -23.91 9.60
N SER B 327 10.80 -22.71 9.06
CA SER B 327 11.06 -22.51 7.64
C SER B 327 12.31 -21.66 7.45
N GLU B 328 12.71 -21.53 6.18
CA GLU B 328 13.83 -20.65 5.84
C GLU B 328 13.60 -19.25 6.40
N HIS B 329 12.38 -18.75 6.26
CA HIS B 329 12.12 -17.35 6.52
C HIS B 329 12.17 -17.09 8.03
N GLU B 330 11.66 -18.03 8.81
CA GLU B 330 11.73 -17.91 10.27
C GLU B 330 13.16 -18.03 10.76
N ALA B 331 13.94 -18.94 10.16
CA ALA B 331 15.35 -19.10 10.54
C ALA B 331 16.12 -17.83 10.22
N ARG B 332 15.78 -17.16 9.12
CA ARG B 332 16.43 -15.89 8.80
C ARG B 332 16.09 -14.81 9.80
N HIS B 333 15.00 -14.96 10.55
CA HIS B 333 14.57 -14.03 11.56
C HIS B 333 14.56 -14.69 12.93
N SER B 334 15.64 -15.42 13.24
CA SER B 334 15.77 -16.16 14.50
C SER B 334 17.14 -15.90 15.11
N PHE B 335 17.17 -15.17 16.24
CA PHE B 335 18.41 -15.03 16.99
C PHE B 335 18.93 -16.39 17.41
N GLN B 336 18.02 -17.22 17.93
CA GLN B 336 18.41 -18.48 18.56
C GLN B 336 18.97 -19.46 17.55
N TYR B 337 18.32 -19.58 16.37
CA TYR B 337 18.84 -20.48 15.36
C TYR B 337 20.22 -20.04 14.87
N VAL B 338 20.39 -18.74 14.63
CA VAL B 338 21.68 -18.26 14.15
C VAL B 338 22.77 -18.58 15.15
N ALA B 339 22.51 -18.32 16.43
CA ALA B 339 23.53 -18.61 17.45
C ALA B 339 23.87 -20.10 17.50
N CYS B 340 22.84 -20.95 17.63
CA CYS B 340 23.13 -22.37 17.81
C CYS B 340 23.67 -23.00 16.52
N ALA B 341 23.24 -22.53 15.35
CA ALA B 341 23.78 -23.05 14.10
C ALA B 341 25.24 -22.65 13.92
N SER B 342 25.59 -21.41 14.28
CA SER B 342 26.99 -21.02 14.22
C SER B 342 27.83 -21.87 15.16
N LEU B 343 27.30 -22.15 16.36
CA LEU B 343 28.02 -22.99 17.30
C LEU B 343 28.17 -24.41 16.79
N LEU B 344 27.12 -24.97 16.17
CA LEU B 344 27.14 -26.36 15.74
C LEU B 344 28.04 -26.56 14.52
N ASP B 345 27.92 -25.68 13.53
CA ASP B 345 28.62 -25.89 12.25
C ASP B 345 29.97 -25.19 12.18
N GLY B 346 30.16 -24.10 12.92
CA GLY B 346 31.37 -23.31 12.86
C GLY B 346 31.29 -22.08 11.98
N SER B 347 30.28 -21.98 11.13
CA SER B 347 30.08 -20.81 10.28
C SER B 347 28.64 -20.83 9.78
N ILE B 348 28.15 -19.67 9.36
CA ILE B 348 26.82 -19.56 8.78
C ILE B 348 26.94 -19.00 7.36
N THR B 349 26.37 -19.73 6.41
CA THR B 349 26.36 -19.38 5.00
C THR B 349 24.93 -19.59 4.47
N VAL B 350 24.77 -19.44 3.15
CA VAL B 350 23.46 -19.54 2.51
C VAL B 350 22.78 -20.87 2.85
N PRO B 351 23.36 -22.03 2.57
CA PRO B 351 22.66 -23.29 2.88
C PRO B 351 22.33 -23.46 4.35
N SER B 352 22.93 -22.66 5.24
CA SER B 352 22.60 -22.76 6.65
C SER B 352 21.12 -22.51 6.90
N PHE B 353 20.43 -21.83 5.99
CA PHE B 353 19.05 -21.46 6.21
C PHE B 353 18.08 -22.33 5.42
N HIS B 354 18.54 -23.40 4.78
CA HIS B 354 17.64 -24.38 4.21
C HIS B 354 16.82 -25.04 5.31
N SER B 355 15.52 -25.18 5.09
CA SER B 355 14.63 -25.75 6.10
C SER B 355 15.04 -27.17 6.46
N GLN B 356 15.69 -27.88 5.53
CA GLN B 356 16.21 -29.21 5.84
C GLN B 356 17.29 -29.15 6.91
N GLN B 357 18.12 -28.10 6.87
CA GLN B 357 19.19 -27.94 7.84
C GLN B 357 18.67 -27.39 9.15
N VAL B 358 17.67 -26.51 9.08
CA VAL B 358 17.11 -25.86 10.27
C VAL B 358 16.49 -26.90 11.21
N ASN B 359 15.92 -27.96 10.65
CA ASN B 359 15.18 -28.95 11.42
C ASN B 359 16.02 -30.17 11.80
N ARG B 360 17.35 -30.06 11.77
CA ARG B 360 18.18 -31.18 12.18
C ARG B 360 18.01 -31.42 13.68
N PRO B 361 18.04 -32.68 14.13
CA PRO B 361 17.86 -32.94 15.57
C PRO B 361 18.92 -32.29 16.43
N GLN B 362 20.16 -32.18 15.94
CA GLN B 362 21.19 -31.50 16.72
C GLN B 362 20.84 -30.03 16.89
N VAL B 363 20.31 -29.42 15.83
CA VAL B 363 19.90 -28.03 15.89
C VAL B 363 18.79 -27.87 16.92
N ARG B 364 17.82 -28.79 16.95
CA ARG B 364 16.71 -28.65 17.88
C ARG B 364 17.18 -28.85 19.32
N GLU B 365 18.03 -29.85 19.58
CA GLU B 365 18.47 -30.11 20.94
C GLU B 365 19.37 -29.00 21.46
N LEU B 366 20.21 -28.43 20.60
CA LEU B 366 21.04 -27.31 21.06
C LEU B 366 20.21 -26.04 21.17
N LEU B 367 19.23 -25.89 20.29
CA LEU B 367 18.35 -24.74 20.26
C LEU B 367 17.49 -24.67 21.51
N LYS B 368 17.06 -25.82 22.02
CA LYS B 368 16.26 -25.86 23.24
C LYS B 368 16.98 -25.25 24.43
N LYS B 369 18.29 -25.04 24.33
CA LYS B 369 19.10 -24.53 25.42
C LYS B 369 19.28 -23.02 25.37
N VAL B 370 18.79 -22.35 24.34
CA VAL B 370 19.12 -20.95 24.09
C VAL B 370 18.16 -20.06 24.87
N LYS B 371 18.72 -19.20 25.71
CA LYS B 371 18.01 -18.16 26.44
C LYS B 371 18.36 -16.81 25.86
N LEU B 372 17.36 -15.93 25.72
CA LEU B 372 17.62 -14.54 25.35
C LEU B 372 17.57 -13.65 26.58
N GLU B 373 18.46 -12.64 26.58
CA GLU B 373 18.50 -11.62 27.61
C GLU B 373 18.62 -10.26 26.95
N HIS B 374 17.88 -9.28 27.45
CA HIS B 374 17.81 -7.95 26.86
C HIS B 374 18.32 -6.93 27.87
N PRO B 375 19.63 -6.68 27.92
CA PRO B 375 20.15 -5.73 28.89
C PRO B 375 19.76 -4.31 28.51
N PRO B 376 19.65 -3.40 29.50
CA PRO B 376 19.23 -2.03 29.18
C PRO B 376 20.21 -1.25 28.32
N ASP B 377 21.50 -1.52 28.40
CA ASP B 377 22.48 -0.68 27.71
C ASP B 377 22.45 -0.81 26.19
N ASN B 378 21.96 -1.93 25.65
CA ASN B 378 21.95 -2.10 24.20
C ASN B 378 20.57 -1.87 23.60
N PRO B 379 20.39 -0.78 22.86
CA PRO B 379 19.10 -0.48 22.26
C PRO B 379 18.87 -1.23 20.96
N PRO B 380 17.63 -1.26 20.48
CA PRO B 380 17.28 -1.90 19.19
C PRO B 380 17.57 -1.01 17.99
N SER B 381 18.85 -0.95 17.60
CA SER B 381 19.26 -0.09 16.50
C SER B 381 20.49 -0.67 15.84
N PHE B 382 20.48 -0.73 14.49
CA PHE B 382 21.60 -1.30 13.76
C PHE B 382 22.91 -0.53 13.96
N ASP B 383 22.84 0.71 14.47
CA ASP B 383 24.05 1.50 14.64
C ASP B 383 24.71 1.30 16.00
N THR B 384 23.94 0.94 17.03
CA THR B 384 24.46 0.77 18.38
C THR B 384 24.20 -0.60 18.99
N LEU B 385 23.54 -1.51 18.26
CA LEU B 385 23.28 -2.86 18.76
C LEU B 385 24.59 -3.60 19.00
N TYR B 386 24.63 -4.41 20.07
CA TYR B 386 25.71 -5.38 20.24
C TYR B 386 25.11 -6.73 20.61
N CYS B 387 25.92 -7.78 20.49
CA CYS B 387 25.52 -9.10 20.93
C CYS B 387 26.62 -9.75 21.76
N GLU B 388 26.25 -10.21 22.95
CA GLU B 388 27.16 -10.94 23.82
C GLU B 388 26.59 -12.31 24.08
N ILE B 389 27.40 -13.35 23.90
CA ILE B 389 26.98 -14.73 24.03
C ILE B 389 27.76 -15.40 25.16
N SER B 390 27.04 -16.13 26.00
CA SER B 390 27.60 -16.90 27.09
C SER B 390 27.15 -18.35 26.98
N ILE B 391 28.09 -19.27 27.10
CA ILE B 391 27.82 -20.70 27.05
C ILE B 391 28.38 -21.34 28.31
N THR B 392 27.52 -22.03 29.06
CA THR B 392 27.91 -22.75 30.26
C THR B 392 27.85 -24.24 29.93
N LEU B 393 28.87 -24.98 30.34
CA LEU B 393 28.93 -26.40 30.11
C LEU B 393 28.31 -27.15 31.28
N LYS B 394 28.00 -28.43 31.05
CA LYS B 394 27.49 -29.26 32.14
C LYS B 394 28.50 -29.41 33.27
N ASP B 395 29.79 -29.25 32.99
CA ASP B 395 30.80 -29.28 34.04
C ASP B 395 30.94 -27.96 34.78
N GLY B 396 30.12 -26.96 34.45
CA GLY B 396 30.12 -25.68 35.13
C GLY B 396 30.94 -24.59 34.46
N THR B 397 31.83 -24.94 33.53
CA THR B 397 32.66 -23.95 32.87
C THR B 397 31.81 -23.04 31.98
N THR B 398 32.05 -21.73 32.07
CA THR B 398 31.31 -20.74 31.30
C THR B 398 32.27 -19.91 30.47
N PHE B 399 31.92 -19.70 29.20
CA PHE B 399 32.70 -18.91 28.26
C PHE B 399 31.82 -17.78 27.74
N THR B 400 32.41 -16.60 27.54
CA THR B 400 31.64 -15.46 27.04
C THR B 400 32.44 -14.67 26.01
N GLU B 401 31.79 -14.31 24.91
CA GLU B 401 32.39 -13.44 23.91
C GLU B 401 31.36 -12.43 23.41
N ARG B 402 31.84 -11.30 22.93
CA ARG B 402 30.98 -10.18 22.56
C ARG B 402 31.39 -9.61 21.21
N SER B 403 30.38 -9.25 20.42
CA SER B 403 30.55 -8.61 19.12
C SER B 403 29.83 -7.28 19.13
N ASP B 404 30.59 -6.19 18.97
CA ASP B 404 30.03 -4.85 18.81
C ASP B 404 29.87 -4.47 17.35
N THR B 405 30.73 -4.97 16.48
CA THR B 405 30.66 -4.73 15.04
C THR B 405 31.17 -5.97 14.32
N PHE B 406 30.44 -6.40 13.31
CA PHE B 406 30.78 -7.57 12.51
C PHE B 406 31.34 -7.12 11.17
N TYR B 407 32.12 -8.01 10.55
CA TYR B 407 32.68 -7.69 9.24
C TYR B 407 31.56 -7.57 8.21
N GLY B 408 31.52 -6.41 7.54
CA GLY B 408 30.47 -6.07 6.60
C GLY B 408 29.59 -4.92 7.05
N HIS B 409 29.54 -4.67 8.36
CA HIS B 409 28.80 -3.53 8.91
C HIS B 409 29.43 -2.23 8.41
N TRP B 410 28.61 -1.18 8.32
CA TRP B 410 29.12 0.09 7.81
C TRP B 410 30.29 0.64 8.61
N ARG B 411 30.51 0.18 9.85
CA ARG B 411 31.73 0.55 10.56
C ARG B 411 32.94 -0.29 10.18
N LYS B 412 32.74 -1.47 9.63
CA LYS B 412 33.84 -2.36 9.22
C LYS B 412 33.46 -3.01 7.91
N PRO B 413 33.44 -2.24 6.82
CA PRO B 413 32.82 -2.72 5.58
C PRO B 413 33.59 -3.87 4.94
N LEU B 414 32.86 -4.63 4.11
CA LEU B 414 33.50 -5.68 3.33
C LEU B 414 34.49 -5.05 2.37
N SER B 415 35.65 -5.68 2.22
CA SER B 415 36.58 -5.17 1.23
C SER B 415 35.99 -5.38 -0.16
N GLN B 416 36.53 -4.64 -1.14
CA GLN B 416 36.02 -4.79 -2.50
C GLN B 416 36.24 -6.21 -3.01
N GLU B 417 37.35 -6.85 -2.61
CA GLU B 417 37.60 -8.23 -3.00
C GLU B 417 36.56 -9.16 -2.40
N ASP B 418 36.19 -8.95 -1.14
CA ASP B 418 35.21 -9.83 -0.50
C ASP B 418 33.82 -9.61 -1.07
N LEU B 419 33.48 -8.36 -1.39
CA LEU B 419 32.19 -8.10 -2.00
C LEU B 419 32.12 -8.72 -3.39
N ARG B 420 33.21 -8.63 -4.15
CA ARG B 420 33.26 -9.28 -5.46
C ARG B 420 33.11 -10.79 -5.33
N ASN B 421 33.74 -11.38 -4.31
CA ASN B 421 33.65 -12.83 -4.16
C ASN B 421 32.27 -13.28 -3.71
N LYS B 422 31.59 -12.49 -2.88
CA LYS B 422 30.17 -12.73 -2.61
C LYS B 422 29.38 -12.71 -3.91
N PHE B 423 29.58 -11.67 -4.73
CA PHE B 423 28.90 -11.58 -6.01
C PHE B 423 29.18 -12.80 -6.88
N ARG B 424 30.44 -13.22 -6.95
CA ARG B 424 30.80 -14.37 -7.76
C ARG B 424 30.07 -15.63 -7.30
N ALA B 425 30.14 -15.90 -5.99
CA ALA B 425 29.48 -17.08 -5.44
C ALA B 425 27.98 -17.05 -5.71
N ASN B 426 27.36 -15.87 -5.65
CA ASN B 426 25.92 -15.81 -5.84
C ASN B 426 25.55 -15.93 -7.32
N ALA B 427 26.17 -15.11 -8.16
CA ALA B 427 25.88 -15.10 -9.60
C ALA B 427 26.22 -16.42 -10.27
N SER B 428 27.17 -17.20 -9.74
CA SER B 428 27.62 -18.40 -10.43
C SER B 428 26.50 -19.42 -10.67
N LYS B 429 25.39 -19.35 -9.92
CA LYS B 429 24.29 -20.27 -10.19
C LYS B 429 23.55 -19.91 -11.47
N MET B 430 23.51 -18.64 -11.87
CA MET B 430 22.74 -18.24 -13.03
C MET B 430 23.57 -17.82 -14.23
N LEU B 431 24.75 -17.25 -14.03
CA LEU B 431 25.53 -16.67 -15.11
C LEU B 431 26.75 -17.53 -15.41
N CYS B 432 27.20 -17.47 -16.68
CA CYS B 432 28.49 -18.04 -17.05
C CYS B 432 29.61 -17.28 -16.35
N ARG B 433 30.75 -17.94 -16.18
CA ARG B 433 31.90 -17.32 -15.52
C ARG B 433 32.28 -16.01 -16.21
N ASP B 434 32.42 -16.05 -17.53
CA ASP B 434 32.80 -14.86 -18.26
C ASP B 434 31.77 -13.76 -18.10
N THR B 435 30.49 -14.14 -18.04
CA THR B 435 29.45 -13.15 -17.80
C THR B 435 29.58 -12.53 -16.42
N VAL B 436 29.93 -13.34 -15.42
CA VAL B 436 30.10 -12.81 -14.06
C VAL B 436 31.24 -11.80 -14.02
N GLU B 437 32.38 -12.16 -14.63
CA GLU B 437 33.53 -11.26 -14.59
C GLU B 437 33.27 -9.98 -15.38
N SER B 438 32.64 -10.12 -16.56
CA SER B 438 32.32 -8.95 -17.36
C SER B 438 31.34 -8.04 -16.64
N LEU B 439 30.35 -8.61 -15.95
CA LEU B 439 29.38 -7.82 -15.21
C LEU B 439 30.04 -7.07 -14.05
N ILE B 440 30.97 -7.75 -13.35
CA ILE B 440 31.76 -7.04 -12.33
C ILE B 440 32.50 -5.86 -12.96
N THR B 441 33.13 -6.08 -14.10
CA THR B 441 33.88 -5.02 -14.76
C THR B 441 32.96 -3.86 -15.12
N VAL B 442 31.79 -4.17 -15.69
CA VAL B 442 30.89 -3.13 -16.14
C VAL B 442 30.38 -2.30 -14.95
N VAL B 443 30.04 -2.98 -13.84
CA VAL B 443 29.55 -2.24 -12.67
C VAL B 443 30.65 -1.39 -12.05
N GLU B 444 31.85 -1.94 -11.90
CA GLU B 444 32.95 -1.16 -11.34
C GLU B 444 33.30 0.03 -12.22
N LYS B 445 33.11 -0.08 -13.54
CA LYS B 445 33.38 0.99 -14.49
C LYS B 445 32.09 1.65 -15.00
N LEU B 446 30.97 1.46 -14.28
CA LEU B 446 29.67 1.96 -14.73
C LEU B 446 29.69 3.46 -15.02
N GLU B 447 30.45 4.21 -14.23
CA GLU B 447 30.52 5.65 -14.40
C GLU B 447 31.04 6.04 -15.79
N ASP B 448 31.84 5.17 -16.40
CA ASP B 448 32.42 5.45 -17.71
C ASP B 448 31.65 4.80 -18.85
N LEU B 449 30.48 4.23 -18.58
CA LEU B 449 29.74 3.46 -19.57
C LEU B 449 28.93 4.39 -20.46
N GLU B 450 29.29 4.42 -21.76
CA GLU B 450 28.59 5.30 -22.70
C GLU B 450 27.15 4.85 -22.95
N ASP B 451 26.88 3.54 -22.90
CA ASP B 451 25.57 3.02 -23.23
C ASP B 451 25.16 2.03 -22.14
N CYS B 452 24.07 2.36 -21.45
CA CYS B 452 23.59 1.56 -20.32
C CYS B 452 23.13 0.18 -20.75
N SER B 453 22.81 0.00 -22.04
CA SER B 453 22.35 -1.31 -22.53
C SER B 453 23.35 -2.39 -22.17
N VAL B 454 24.64 -2.06 -22.18
CA VAL B 454 25.69 -3.03 -21.90
C VAL B 454 25.44 -3.71 -20.57
N LEU B 455 25.00 -2.95 -19.56
CA LEU B 455 24.75 -3.56 -18.27
C LEU B 455 23.51 -4.46 -18.35
N THR B 456 22.42 -3.95 -18.93
CA THR B 456 21.17 -4.70 -18.93
C THR B 456 21.27 -5.97 -19.75
N ARG B 457 22.10 -5.97 -20.81
CA ARG B 457 22.24 -7.15 -21.63
C ARG B 457 22.98 -8.27 -20.91
N LEU B 458 23.67 -7.98 -19.81
CA LEU B 458 24.39 -9.00 -19.08
C LEU B 458 23.52 -9.70 -18.04
N LEU B 459 22.35 -9.15 -17.73
CA LEU B 459 21.45 -9.67 -16.71
C LEU B 459 20.58 -10.82 -17.22
N LYS B 460 20.95 -11.45 -18.32
CA LYS B 460 20.19 -12.56 -18.84
C LYS B 460 21.06 -13.75 -19.27
#